data_4E4M
#
_entry.id   4E4M
#
_cell.length_a   69.366
_cell.length_b   76.308
_cell.length_c   87.278
_cell.angle_alpha   75.27
_cell.angle_beta   66.62
_cell.angle_gamma   62.96
#
_symmetry.space_group_name_H-M   'P 1'
#
loop_
_entity.id
_entity.type
_entity.pdbx_description
1 polymer 'Tyrosine-protein kinase JAK2'
2 non-polymer 1-[4-methyl-1-(methylsulfonyl)piperidin-4-yl]-1,6-dihydroimidazo[4,5-d]pyrrolo[2,3-b]pyridine
3 water water
#
_entity_poly.entity_id   1
_entity_poly.type   'polypeptide(L)'
_entity_poly.pdbx_seq_one_letter_code
;GSSGAFEDRDPTQFEERHLKFLQQLGKGNFGSVEMCRYDPLQDNTGEVVAVKKLQHSTEEHLRDFEREIEILKSLQHDNI
VKYKGVCYSAGRRNLKLIMEYLPYGSLRDYLQKHKERIDHIKLLQYTSQICKGMEYLGTKRYIHRDLATRNILVENENRV
KIGDFGLTKVLPQDKE(PTR)(PTR)KVKEPGESPIFWYAPESLTESKFSVASDVWSFGVVLYELFTYIEKSKSPPAEFM
RMIGNDKQGQMIVFHLIELLKNNGRLPRPDGCPDEIYMIMTECWNNNVNQRPSFRDLALRVDQIRDNMAG
;
_entity_poly.pdbx_strand_id   A,B,D,E
#
loop_
_chem_comp.id
_chem_comp.type
_chem_comp.name
_chem_comp.formula
0NH non-polymer 1-[4-methyl-1-(methylsulfonyl)piperidin-4-yl]-1,6-dihydroimidazo[4,5-d]pyrrolo[2,3-b]pyridine 'C15 H19 N5 O2 S'
#
# COMPACT_ATOMS: atom_id res chain seq x y z
N ALA A 5 21.60 4.11 -11.96
CA ALA A 5 21.22 4.23 -13.40
C ALA A 5 19.72 4.03 -13.58
N PHE A 6 19.11 4.87 -14.41
CA PHE A 6 17.65 4.86 -14.51
C PHE A 6 17.14 5.31 -15.89
N GLU A 7 16.12 4.61 -16.34
CA GLU A 7 15.44 4.84 -17.61
C GLU A 7 13.94 4.63 -17.42
N ASP A 8 13.16 5.68 -17.63
CA ASP A 8 11.70 5.63 -17.49
C ASP A 8 11.01 5.50 -18.85
N ARG A 9 10.63 4.26 -19.20
CA ARG A 9 9.89 3.98 -20.44
C ARG A 9 8.42 3.69 -20.17
N ASP A 10 7.95 4.01 -18.96
CA ASP A 10 6.56 3.76 -18.61
C ASP A 10 6.04 4.78 -17.59
N PRO A 11 5.61 5.97 -18.08
CA PRO A 11 5.01 6.99 -17.20
C PRO A 11 3.64 6.62 -16.58
N THR A 12 3.09 5.46 -16.92
CA THR A 12 1.85 4.96 -16.30
C THR A 12 2.14 4.11 -15.04
N GLN A 13 3.42 3.88 -14.74
CA GLN A 13 3.81 3.24 -13.48
C GLN A 13 4.20 4.31 -12.45
N PHE A 14 3.39 4.41 -11.40
CA PHE A 14 3.63 5.36 -10.33
C PHE A 14 4.38 4.70 -9.17
N GLU A 15 5.44 5.37 -8.71
CA GLU A 15 6.27 4.89 -7.61
C GLU A 15 5.61 5.09 -6.24
N GLU A 16 5.32 3.96 -5.60
CA GLU A 16 4.74 3.89 -4.25
C GLU A 16 5.33 4.90 -3.27
N ARG A 17 6.64 5.01 -3.22
CA ARG A 17 7.33 5.86 -2.23
C ARG A 17 7.12 7.34 -2.48
N HIS A 18 6.67 7.70 -3.68
CA HIS A 18 6.40 9.10 -4.01
C HIS A 18 4.92 9.45 -3.99
N LEU A 19 4.07 8.44 -3.77
CA LEU A 19 2.62 8.64 -3.71
C LEU A 19 2.22 8.84 -2.25
N LYS A 20 1.95 10.10 -1.89
CA LYS A 20 1.62 10.42 -0.50
C LYS A 20 0.13 10.75 -0.33
N PHE A 21 -0.52 9.99 0.56
CA PHE A 21 -1.89 10.25 0.98
C PHE A 21 -2.06 11.67 1.51
N LEU A 22 -3.10 12.36 1.04
CA LEU A 22 -3.50 13.67 1.57
C LEU A 22 -4.81 13.54 2.34
N GLN A 23 -5.84 13.07 1.65
CA GLN A 23 -7.21 13.10 2.14
C GLN A 23 -8.03 11.95 1.55
N GLN A 24 -9.08 11.56 2.24
CA GLN A 24 -10.08 10.62 1.71
C GLN A 24 -11.12 11.40 0.88
N LEU A 25 -11.51 10.84 -0.26
CA LEU A 25 -12.50 11.51 -1.15
C LEU A 25 -13.89 10.86 -1.15
N GLY A 26 -13.95 9.54 -1.30
CA GLY A 26 -15.24 8.86 -1.29
C GLY A 26 -15.22 7.41 -1.72
N LYS A 27 -16.27 6.68 -1.35
CA LYS A 27 -16.41 5.27 -1.76
C LYS A 27 -16.84 5.17 -3.23
N GLY A 28 -16.38 4.10 -3.86
CA GLY A 28 -16.79 3.71 -5.20
C GLY A 28 -17.05 2.21 -5.22
N ASN A 29 -17.46 1.71 -6.38
CA ASN A 29 -17.78 0.28 -6.49
C ASN A 29 -16.66 -0.60 -5.90
N PHE A 30 -17.07 -1.48 -4.95
CA PHE A 30 -16.19 -2.25 -4.01
C PHE A 30 -14.80 -1.65 -3.62
N GLY A 31 -14.77 -0.37 -3.28
CA GLY A 31 -13.54 0.28 -2.95
C GLY A 31 -13.67 1.71 -2.47
N SER A 32 -12.60 2.46 -2.65
CA SER A 32 -12.41 3.74 -2.01
C SER A 32 -11.43 4.61 -2.82
N VAL A 33 -11.75 5.90 -2.94
CA VAL A 33 -10.94 6.86 -3.69
C VAL A 33 -10.40 7.89 -2.72
N GLU A 34 -9.11 8.18 -2.85
CA GLU A 34 -8.45 9.14 -1.97
C GLU A 34 -7.63 10.11 -2.76
N MET A 35 -7.45 11.29 -2.19
CA MET A 35 -6.67 12.35 -2.79
C MET A 35 -5.21 12.14 -2.38
N CYS A 36 -4.32 12.09 -3.36
CA CYS A 36 -2.91 11.89 -3.11
C CYS A 36 -2.11 12.88 -3.92
N ARG A 37 -0.86 13.08 -3.48
CA ARG A 37 0.12 13.86 -4.22
C ARG A 37 1.20 12.93 -4.75
N TYR A 38 1.53 13.07 -6.04
CA TYR A 38 2.68 12.36 -6.61
C TYR A 38 3.84 13.34 -6.77
N ASP A 39 4.84 13.20 -5.91
CA ASP A 39 5.96 14.15 -5.86
C ASP A 39 7.30 13.41 -5.92
N PRO A 40 7.71 12.97 -7.13
CA PRO A 40 8.98 12.25 -7.27
C PRO A 40 10.25 13.10 -7.14
N LEU A 41 10.10 14.42 -7.05
CA LEU A 41 11.22 15.33 -6.82
C LEU A 41 11.27 15.84 -5.37
N GLN A 42 10.31 15.41 -4.55
CA GLN A 42 10.22 15.79 -3.13
C GLN A 42 10.24 17.31 -2.89
N ASP A 43 10.11 18.08 -3.97
CA ASP A 43 10.23 19.54 -3.91
C ASP A 43 8.87 20.24 -3.81
N ASN A 44 7.81 19.44 -3.70
CA ASN A 44 6.43 19.93 -3.62
C ASN A 44 6.01 20.78 -4.82
N THR A 45 6.43 20.34 -6.01
CA THR A 45 5.98 20.91 -7.28
C THR A 45 5.23 19.86 -8.12
N GLY A 46 4.87 18.74 -7.48
CA GLY A 46 4.20 17.62 -8.15
C GLY A 46 2.71 17.87 -8.32
N GLU A 47 1.99 16.89 -8.86
CA GLU A 47 0.54 17.01 -9.08
C GLU A 47 -0.29 16.17 -8.10
N VAL A 48 -1.53 16.61 -7.92
CA VAL A 48 -2.52 15.94 -7.08
C VAL A 48 -3.29 14.98 -7.97
N VAL A 49 -3.44 13.74 -7.49
CA VAL A 49 -4.14 12.68 -8.21
C VAL A 49 -5.18 12.05 -7.31
N ALA A 50 -6.13 11.37 -7.94
CA ALA A 50 -7.12 10.53 -7.30
C ALA A 50 -6.66 9.07 -7.41
N VAL A 51 -6.67 8.34 -6.28
CA VAL A 51 -6.17 6.97 -6.24
C VAL A 51 -7.26 6.07 -5.70
N LYS A 52 -7.65 5.07 -6.48
CA LYS A 52 -8.62 4.07 -6.06
C LYS A 52 -7.91 2.83 -5.54
N LYS A 53 -8.38 2.34 -4.40
CA LYS A 53 -7.93 1.10 -3.83
C LYS A 53 -9.15 0.28 -3.48
N LEU A 54 -8.97 -1.03 -3.50
CA LEU A 54 -10.01 -1.94 -3.12
C LEU A 54 -10.19 -1.95 -1.60
N GLN A 55 -11.40 -2.24 -1.16
CA GLN A 55 -11.69 -2.49 0.24
C GLN A 55 -12.10 -3.94 0.32
N HIS A 56 -11.72 -4.61 1.41
CA HIS A 56 -12.11 -6.00 1.62
C HIS A 56 -11.80 -6.82 0.36
N SER A 57 -10.53 -6.77 -0.04
CA SER A 57 -10.07 -7.36 -1.30
C SER A 57 -10.04 -8.89 -1.29
N THR A 58 -9.99 -9.44 -2.49
CA THR A 58 -9.91 -10.89 -2.72
C THR A 58 -9.29 -11.13 -4.09
N GLU A 59 -9.06 -12.40 -4.42
CA GLU A 59 -8.57 -12.79 -5.75
C GLU A 59 -9.54 -12.37 -6.87
N GLU A 60 -10.82 -12.58 -6.65
CA GLU A 60 -11.85 -12.29 -7.65
C GLU A 60 -11.96 -10.79 -7.87
N HIS A 61 -11.96 -10.05 -6.77
CA HIS A 61 -12.12 -8.60 -6.78
C HIS A 61 -10.94 -7.93 -7.46
N LEU A 62 -9.77 -8.50 -7.25
CA LEU A 62 -8.54 -7.98 -7.84
C LEU A 62 -8.56 -8.13 -9.36
N ARG A 63 -9.07 -9.28 -9.83
CA ARG A 63 -9.26 -9.58 -11.24
C ARG A 63 -10.27 -8.63 -11.89
N ASP A 64 -11.33 -8.32 -11.15
CA ASP A 64 -12.30 -7.33 -11.58
C ASP A 64 -11.68 -5.95 -11.63
N PHE A 65 -10.85 -5.65 -10.63
CA PHE A 65 -10.17 -4.37 -10.55
C PHE A 65 -9.24 -4.21 -11.76
N GLU A 66 -8.49 -5.26 -12.06
CA GLU A 66 -7.68 -5.31 -13.28
C GLU A 66 -8.46 -5.05 -14.59
N ARG A 67 -9.67 -5.58 -14.71
CA ARG A 67 -10.52 -5.33 -15.90
C ARG A 67 -11.00 -3.86 -15.95
N GLU A 68 -11.37 -3.32 -14.80
CA GLU A 68 -11.76 -1.91 -14.67
C GLU A 68 -10.62 -0.98 -15.11
N ILE A 69 -9.42 -1.24 -14.60
CA ILE A 69 -8.21 -0.51 -15.01
C ILE A 69 -7.99 -0.53 -16.53
N GLU A 70 -8.10 -1.70 -17.15
CA GLU A 70 -7.94 -1.81 -18.60
C GLU A 70 -9.06 -1.11 -19.36
N ILE A 71 -10.28 -1.21 -18.84
CA ILE A 71 -11.38 -0.46 -19.41
C ILE A 71 -11.06 1.04 -19.36
N LEU A 72 -10.72 1.55 -18.18
CA LEU A 72 -10.50 2.97 -18.01
C LEU A 72 -9.37 3.48 -18.91
N LYS A 73 -8.32 2.67 -19.02
CA LYS A 73 -7.14 2.98 -19.81
C LYS A 73 -7.47 3.07 -21.31
N SER A 74 -8.38 2.20 -21.76
CA SER A 74 -8.83 2.19 -23.16
C SER A 74 -9.65 3.42 -23.58
N LEU A 75 -10.11 4.19 -22.60
CA LEU A 75 -11.00 5.31 -22.85
C LEU A 75 -10.27 6.65 -22.89
N GLN A 76 -10.48 7.42 -23.95
CA GLN A 76 -9.94 8.79 -24.06
C GLN A 76 -11.01 9.71 -24.64
N HIS A 77 -11.60 10.52 -23.78
CA HIS A 77 -12.72 11.37 -24.15
C HIS A 77 -12.82 12.52 -23.13
N ASP A 78 -13.26 13.70 -23.57
CA ASP A 78 -13.39 14.89 -22.68
C ASP A 78 -14.38 14.67 -21.53
N ASN A 79 -15.31 13.74 -21.72
CA ASN A 79 -16.38 13.47 -20.78
C ASN A 79 -16.23 12.12 -20.11
N ILE A 80 -15.01 11.61 -20.09
CA ILE A 80 -14.64 10.39 -19.36
C ILE A 80 -13.39 10.73 -18.51
N VAL A 81 -13.42 10.37 -17.22
CA VAL A 81 -12.33 10.59 -16.27
C VAL A 81 -11.04 9.99 -16.80
N LYS A 82 -9.96 10.76 -16.65
CA LYS A 82 -8.68 10.31 -17.18
C LYS A 82 -8.00 9.28 -16.30
N TYR A 83 -7.67 8.15 -16.91
CA TYR A 83 -6.68 7.21 -16.42
C TYR A 83 -5.31 7.87 -16.47
N LYS A 84 -4.54 7.76 -15.39
CA LYS A 84 -3.16 8.24 -15.40
C LYS A 84 -2.16 7.11 -15.31
N GLY A 85 -2.44 6.14 -14.45
CA GLY A 85 -1.53 5.00 -14.33
C GLY A 85 -1.94 4.01 -13.28
N VAL A 86 -1.00 3.16 -12.90
CA VAL A 86 -1.17 2.21 -11.81
C VAL A 86 -0.04 2.41 -10.79
N CYS A 87 -0.29 2.01 -9.55
CA CYS A 87 0.78 1.93 -8.55
C CYS A 87 0.77 0.53 -8.00
N TYR A 88 1.89 -0.17 -8.15
CA TYR A 88 2.06 -1.51 -7.59
C TYR A 88 2.63 -1.36 -6.18
N SER A 89 1.72 -1.06 -5.25
CA SER A 89 2.07 -0.81 -3.88
C SER A 89 2.36 -2.11 -3.09
N ALA A 90 2.64 -1.96 -1.80
CA ALA A 90 2.98 -3.10 -0.92
C ALA A 90 4.19 -3.85 -1.49
N GLY A 91 5.19 -3.09 -1.92
CA GLY A 91 6.39 -3.64 -2.57
C GLY A 91 6.05 -4.46 -3.81
N ARG A 92 5.11 -3.95 -4.59
CA ARG A 92 4.58 -4.61 -5.80
C ARG A 92 3.82 -5.90 -5.54
N ARG A 93 3.14 -5.97 -4.39
CA ARG A 93 2.28 -7.11 -4.08
C ARG A 93 0.83 -6.65 -3.85
N ASN A 94 0.52 -5.46 -4.41
CA ASN A 94 -0.82 -4.88 -4.40
C ASN A 94 -1.01 -4.02 -5.67
N LEU A 95 -2.24 -3.58 -5.90
CA LEU A 95 -2.63 -2.80 -7.06
C LEU A 95 -3.47 -1.58 -6.66
N LYS A 96 -3.12 -0.42 -7.18
CA LYS A 96 -3.91 0.81 -7.05
C LYS A 96 -4.02 1.51 -8.40
N LEU A 97 -5.16 2.14 -8.64
CA LEU A 97 -5.47 2.85 -9.89
C LEU A 97 -5.27 4.34 -9.68
N ILE A 98 -4.46 4.95 -10.53
CA ILE A 98 -4.22 6.40 -10.51
C ILE A 98 -5.09 7.08 -11.58
N MET A 99 -5.85 8.09 -11.16
CA MET A 99 -6.82 8.79 -11.98
C MET A 99 -6.60 10.29 -11.83
N GLU A 100 -7.22 11.09 -12.68
CA GLU A 100 -7.14 12.53 -12.50
C GLU A 100 -7.97 12.93 -11.30
N TYR A 101 -7.53 14.00 -10.65
CA TYR A 101 -8.25 14.60 -9.56
C TYR A 101 -9.16 15.70 -10.11
N LEU A 102 -10.46 15.53 -9.92
CA LEU A 102 -11.44 16.54 -10.28
C LEU A 102 -11.96 17.26 -9.03
N PRO A 103 -11.57 18.53 -8.83
CA PRO A 103 -11.78 19.21 -7.53
C PRO A 103 -13.23 19.32 -7.02
N TYR A 104 -14.19 19.42 -7.93
CA TYR A 104 -15.59 19.61 -7.53
C TYR A 104 -16.35 18.30 -7.28
N GLY A 105 -15.66 17.17 -7.43
CA GLY A 105 -16.18 15.88 -6.97
C GLY A 105 -17.35 15.34 -7.76
N SER A 106 -18.30 14.72 -7.08
CA SER A 106 -19.42 14.09 -7.76
C SER A 106 -20.45 15.15 -8.11
N LEU A 107 -21.18 14.88 -9.18
CA LEU A 107 -22.18 15.79 -9.70
C LEU A 107 -23.34 15.94 -8.72
N ARG A 108 -23.69 14.84 -8.08
CA ARG A 108 -24.67 14.81 -7.00
C ARG A 108 -24.33 15.82 -5.92
N ASP A 109 -23.10 15.74 -5.41
CA ASP A 109 -22.67 16.65 -4.34
C ASP A 109 -22.62 18.07 -4.82
N TYR A 110 -22.11 18.25 -6.03
CA TYR A 110 -21.96 19.56 -6.66
C TYR A 110 -23.31 20.25 -6.91
N LEU A 111 -24.30 19.47 -7.34
CA LEU A 111 -25.65 19.99 -7.54
C LEU A 111 -26.28 20.50 -6.23
N GLN A 112 -25.99 19.80 -5.13
CA GLN A 112 -26.49 20.15 -3.80
C GLN A 112 -25.79 21.38 -3.23
N LYS A 113 -24.47 21.43 -3.37
CA LYS A 113 -23.64 22.46 -2.76
C LYS A 113 -23.49 23.76 -3.57
N HIS A 114 -23.77 23.71 -4.87
CA HIS A 114 -23.66 24.88 -5.74
C HIS A 114 -24.90 25.14 -6.57
N LYS A 115 -26.08 25.06 -5.95
CA LYS A 115 -27.34 25.38 -6.62
C LYS A 115 -27.38 26.80 -7.20
N GLU A 116 -26.66 27.72 -6.54
CA GLU A 116 -26.56 29.13 -6.93
C GLU A 116 -25.92 29.37 -8.31
N ARG A 117 -25.09 28.42 -8.73
CA ARG A 117 -24.43 28.44 -10.03
C ARG A 117 -25.16 27.60 -11.08
N ILE A 118 -26.26 26.96 -10.71
CA ILE A 118 -26.93 26.01 -11.61
C ILE A 118 -28.29 26.52 -12.10
N ASP A 119 -28.50 26.40 -13.40
CA ASP A 119 -29.77 26.71 -14.07
C ASP A 119 -30.05 25.61 -15.10
N HIS A 120 -31.19 25.71 -15.77
CA HIS A 120 -31.57 24.70 -16.77
C HIS A 120 -30.60 24.57 -17.93
N ILE A 121 -30.08 25.69 -18.43
CA ILE A 121 -29.10 25.65 -19.50
C ILE A 121 -27.88 24.76 -19.12
N LYS A 122 -27.40 24.95 -17.90
CA LYS A 122 -26.30 24.16 -17.33
C LYS A 122 -26.65 22.69 -17.22
N LEU A 123 -27.82 22.41 -16.65
CA LEU A 123 -28.30 21.02 -16.53
C LEU A 123 -28.31 20.31 -17.88
N LEU A 124 -28.80 20.99 -18.92
CA LEU A 124 -28.79 20.47 -20.29
C LEU A 124 -27.37 20.31 -20.86
N GLN A 125 -26.51 21.27 -20.55
CA GLN A 125 -25.11 21.17 -20.92
C GLN A 125 -24.51 19.87 -20.38
N TYR A 126 -24.73 19.61 -19.08
CA TYR A 126 -24.28 18.35 -18.46
C TYR A 126 -24.91 17.10 -19.07
N THR A 127 -26.21 17.16 -19.33
CA THR A 127 -26.97 16.07 -19.94
C THR A 127 -26.36 15.67 -21.27
N SER A 128 -26.09 16.68 -22.08
CA SER A 128 -25.40 16.54 -23.36
C SER A 128 -24.05 15.83 -23.19
N GLN A 129 -23.25 16.32 -22.27
CA GLN A 129 -21.91 15.78 -22.03
C GLN A 129 -21.93 14.30 -21.60
N ILE A 130 -22.86 13.96 -20.72
CA ILE A 130 -23.05 12.57 -20.31
C ILE A 130 -23.41 11.68 -21.49
N CYS A 131 -24.31 12.15 -22.35
CA CYS A 131 -24.71 11.39 -23.54
C CYS A 131 -23.53 11.09 -24.47
N LYS A 132 -22.72 12.11 -24.68
CA LYS A 132 -21.56 12.01 -25.56
C LYS A 132 -20.52 11.05 -24.98
N GLY A 133 -20.33 11.10 -23.66
CA GLY A 133 -19.49 10.13 -22.97
C GLY A 133 -20.02 8.73 -23.23
N MET A 134 -21.33 8.56 -23.11
CA MET A 134 -21.98 7.28 -23.36
C MET A 134 -21.95 6.82 -24.81
N GLU A 135 -22.11 7.75 -25.75
CA GLU A 135 -21.82 7.45 -27.17
C GLU A 135 -20.45 6.83 -27.34
N TYR A 136 -19.44 7.49 -26.76
CA TYR A 136 -18.08 7.00 -26.80
C TYR A 136 -17.94 5.59 -26.24
N LEU A 137 -18.64 5.33 -25.14
CA LEU A 137 -18.56 4.04 -24.46
C LEU A 137 -19.09 2.92 -25.34
N GLY A 138 -20.21 3.19 -26.00
CA GLY A 138 -20.80 2.26 -26.96
C GLY A 138 -19.93 1.88 -28.14
N THR A 139 -18.98 2.74 -28.51
CA THR A 139 -18.08 2.45 -29.64
C THR A 139 -17.10 1.34 -29.30
N LYS A 140 -16.87 1.17 -28.00
CA LYS A 140 -16.03 0.10 -27.46
C LYS A 140 -16.82 -1.09 -26.94
N ARG A 141 -18.16 -1.00 -27.06
CA ARG A 141 -19.10 -2.03 -26.62
C ARG A 141 -19.04 -2.22 -25.10
N TYR A 142 -18.89 -1.10 -24.40
CA TYR A 142 -18.84 -1.12 -22.96
C TYR A 142 -20.24 -0.79 -22.45
N ILE A 143 -20.72 -1.59 -21.51
CA ILE A 143 -21.98 -1.33 -20.82
C ILE A 143 -21.61 -0.88 -19.42
N HIS A 144 -21.93 0.36 -19.07
CA HIS A 144 -21.48 0.96 -17.83
C HIS A 144 -22.07 0.31 -16.56
N ARG A 145 -23.39 0.12 -16.58
CA ARG A 145 -24.18 -0.57 -15.53
C ARG A 145 -24.43 0.20 -14.22
N ASP A 146 -23.89 1.40 -14.08
CA ASP A 146 -24.02 2.15 -12.85
C ASP A 146 -24.08 3.66 -13.06
N LEU A 147 -24.73 4.08 -14.13
CA LEU A 147 -24.94 5.49 -14.40
C LEU A 147 -25.78 6.14 -13.32
N ALA A 148 -25.25 7.21 -12.74
CA ALA A 148 -25.90 7.90 -11.64
C ALA A 148 -25.11 9.16 -11.33
N THR A 149 -25.73 10.21 -10.81
CA THR A 149 -24.98 11.45 -10.54
C THR A 149 -23.82 11.30 -9.52
N ARG A 150 -23.93 10.31 -8.63
CA ARG A 150 -22.83 9.99 -7.70
C ARG A 150 -21.56 9.48 -8.42
N ASN A 151 -21.74 8.93 -9.62
CA ASN A 151 -20.67 8.36 -10.41
C ASN A 151 -20.27 9.21 -11.62
N ILE A 152 -20.86 10.41 -11.69
CA ILE A 152 -20.45 11.43 -12.65
C ILE A 152 -19.61 12.47 -11.93
N LEU A 153 -18.52 12.88 -12.56
CA LEU A 153 -17.64 13.88 -11.94
C LEU A 153 -17.73 15.24 -12.60
N VAL A 154 -17.47 16.27 -11.79
CA VAL A 154 -17.40 17.65 -12.27
C VAL A 154 -15.95 18.18 -12.29
N GLU A 155 -15.45 18.51 -13.47
CA GLU A 155 -14.15 19.16 -13.58
C GLU A 155 -14.26 20.65 -13.20
N ASN A 156 -15.21 21.32 -13.85
CA ASN A 156 -15.55 22.71 -13.54
C ASN A 156 -17.03 22.99 -13.84
N GLU A 157 -17.42 24.25 -13.76
CA GLU A 157 -18.77 24.71 -14.12
C GLU A 157 -19.26 24.19 -15.47
N ASN A 158 -18.36 24.14 -16.42
CA ASN A 158 -18.69 23.88 -17.83
C ASN A 158 -18.41 22.45 -18.30
N ARG A 159 -18.01 21.56 -17.40
CA ARG A 159 -17.68 20.20 -17.83
C ARG A 159 -17.82 19.11 -16.78
N VAL A 160 -18.56 18.07 -17.15
CA VAL A 160 -18.68 16.87 -16.34
C VAL A 160 -18.11 15.65 -17.07
N LYS A 161 -17.76 14.65 -16.29
CA LYS A 161 -17.12 13.47 -16.81
C LYS A 161 -17.71 12.24 -16.15
N ILE A 162 -17.96 11.22 -16.96
CA ILE A 162 -18.40 9.93 -16.44
C ILE A 162 -17.26 9.20 -15.72
N GLY A 163 -17.58 8.65 -14.55
CA GLY A 163 -16.65 7.88 -13.74
C GLY A 163 -17.15 6.49 -13.34
N ASP A 164 -16.57 5.99 -12.25
CA ASP A 164 -16.77 4.62 -11.75
C ASP A 164 -17.19 3.57 -12.80
N PHE A 165 -16.19 2.99 -13.44
CA PHE A 165 -16.36 1.87 -14.36
C PHE A 165 -16.20 0.53 -13.68
N GLY A 166 -16.38 0.52 -12.36
CA GLY A 166 -16.20 -0.67 -11.54
C GLY A 166 -17.17 -1.80 -11.83
N LEU A 167 -18.29 -1.48 -12.48
CA LEU A 167 -19.30 -2.49 -12.84
C LEU A 167 -19.39 -2.73 -14.34
N THR A 168 -18.49 -2.09 -15.09
CA THR A 168 -18.63 -2.03 -16.54
C THR A 168 -18.29 -3.38 -17.19
N LYS A 169 -19.05 -3.72 -18.24
CA LYS A 169 -18.93 -4.98 -18.94
C LYS A 169 -18.73 -4.73 -20.42
N VAL A 170 -18.03 -5.65 -21.08
CA VAL A 170 -17.80 -5.60 -22.52
C VAL A 170 -18.67 -6.66 -23.19
N LEU A 171 -19.46 -6.26 -24.17
CA LEU A 171 -20.33 -7.18 -24.89
C LEU A 171 -19.52 -8.22 -25.65
N PRO A 172 -19.90 -9.50 -25.52
CA PRO A 172 -19.06 -10.59 -26.00
C PRO A 172 -18.95 -10.76 -27.51
N GLN A 173 -19.10 -9.68 -28.29
CA GLN A 173 -18.80 -9.69 -29.73
C GLN A 173 -20.02 -10.12 -30.58
N ASP A 174 -20.58 -11.28 -30.28
CA ASP A 174 -21.74 -11.83 -31.01
C ASP A 174 -23.11 -11.52 -30.37
N LYS A 175 -23.10 -10.91 -29.18
CA LYS A 175 -24.34 -10.61 -28.45
C LYS A 175 -24.59 -9.10 -28.27
N GLU A 176 -25.83 -8.76 -27.94
CA GLU A 176 -26.23 -7.38 -27.70
C GLU A 176 -26.67 -7.08 -26.26
N PTR A 177 -26.53 -8.07 -25.37
CA PTR A 177 -26.82 -7.93 -23.95
C PTR A 177 -25.82 -8.78 -23.16
O PTR A 177 -25.33 -9.80 -23.66
CB PTR A 177 -28.26 -8.32 -23.56
CG PTR A 177 -28.55 -9.79 -23.73
CD1 PTR A 177 -29.17 -10.27 -24.89
CD2 PTR A 177 -28.24 -10.71 -22.73
CE1 PTR A 177 -29.43 -11.62 -25.06
CE2 PTR A 177 -28.50 -12.06 -22.89
CZ PTR A 177 -29.11 -12.51 -24.06
OH PTR A 177 -29.32 -13.74 -24.19
P PTR A 177 -30.75 -14.42 -24.50
O1P PTR A 177 -31.55 -13.67 -25.59
O2P PTR A 177 -30.47 -15.86 -24.98
O3P PTR A 177 -31.56 -14.40 -23.26
N PTR A 178 -25.53 -8.34 -21.95
CA PTR A 178 -24.68 -9.08 -21.03
C PTR A 178 -25.51 -9.46 -19.79
O PTR A 178 -26.06 -8.60 -19.10
CB PTR A 178 -23.46 -8.26 -20.66
CG PTR A 178 -22.34 -9.08 -20.09
CD1 PTR A 178 -21.10 -9.19 -20.74
CD2 PTR A 178 -22.50 -9.75 -18.89
CE1 PTR A 178 -20.08 -9.97 -20.20
CE2 PTR A 178 -21.50 -10.52 -18.36
CZ PTR A 178 -20.30 -10.64 -18.99
OH PTR A 178 -19.49 -11.36 -18.39
P PTR A 178 -17.93 -11.62 -18.64
O1P PTR A 178 -17.25 -10.37 -19.07
O2P PTR A 178 -17.31 -12.08 -17.31
O3P PTR A 178 -17.77 -12.71 -19.72
N LYS A 179 -25.56 -10.77 -19.53
CA LYS A 179 -26.28 -11.29 -18.39
C LYS A 179 -25.30 -11.51 -17.26
N VAL A 180 -25.51 -10.78 -16.17
CA VAL A 180 -24.63 -10.82 -15.02
C VAL A 180 -25.46 -11.10 -13.78
N LYS A 181 -25.42 -12.36 -13.35
CA LYS A 181 -26.03 -12.77 -12.09
C LYS A 181 -25.01 -12.54 -10.97
N GLU A 182 -25.39 -11.65 -10.04
CA GLU A 182 -24.46 -11.14 -9.04
C GLU A 182 -25.07 -11.11 -7.64
N PRO A 183 -24.26 -11.44 -6.61
CA PRO A 183 -24.71 -11.38 -5.22
C PRO A 183 -24.51 -9.98 -4.66
N GLY A 184 -25.13 -9.72 -3.51
CA GLY A 184 -24.99 -8.41 -2.86
C GLY A 184 -25.91 -7.33 -3.43
N GLU A 185 -25.67 -6.10 -2.99
CA GLU A 185 -26.58 -4.97 -3.24
C GLU A 185 -26.39 -4.39 -4.64
N SER A 186 -27.49 -4.31 -5.40
CA SER A 186 -27.51 -3.63 -6.70
C SER A 186 -28.21 -2.27 -6.55
N PRO A 187 -27.84 -1.28 -7.37
CA PRO A 187 -28.55 0.01 -7.32
C PRO A 187 -29.88 -0.07 -8.07
N ILE A 188 -30.84 -0.69 -7.40
CA ILE A 188 -32.10 -1.10 -8.04
C ILE A 188 -32.96 0.05 -8.53
N PHE A 189 -32.87 1.20 -7.88
CA PHE A 189 -33.70 2.34 -8.28
C PHE A 189 -33.22 3.06 -9.56
N TRP A 190 -32.12 2.56 -10.15
CA TRP A 190 -31.61 3.02 -11.45
C TRP A 190 -31.68 1.93 -12.53
N TYR A 191 -32.12 0.73 -12.15
CA TYR A 191 -32.15 -0.41 -13.07
C TYR A 191 -33.35 -0.43 -13.99
N ALA A 192 -33.09 -0.84 -15.24
CA ALA A 192 -34.17 -1.13 -16.17
C ALA A 192 -34.94 -2.37 -15.67
N PRO A 193 -36.22 -2.48 -16.07
CA PRO A 193 -37.02 -3.65 -15.69
C PRO A 193 -36.38 -5.02 -16.03
N GLU A 194 -35.76 -5.14 -17.19
CA GLU A 194 -35.13 -6.43 -17.63
C GLU A 194 -33.81 -6.71 -16.90
N SER A 195 -33.25 -5.67 -16.30
CA SER A 195 -32.07 -5.81 -15.43
C SER A 195 -32.49 -6.35 -14.07
N LEU A 196 -33.63 -5.86 -13.59
CA LEU A 196 -34.22 -6.36 -12.35
C LEU A 196 -34.71 -7.80 -12.52
N THR A 197 -35.49 -8.05 -13.58
CA THR A 197 -36.13 -9.35 -13.78
C THR A 197 -35.22 -10.43 -14.35
N GLU A 198 -34.37 -10.08 -15.30
CA GLU A 198 -33.55 -11.06 -16.03
C GLU A 198 -32.04 -10.90 -15.83
N SER A 199 -31.59 -9.92 -15.05
CA SER A 199 -30.14 -9.62 -14.94
C SER A 199 -29.48 -9.20 -16.27
N LYS A 200 -30.28 -8.74 -17.24
CA LYS A 200 -29.79 -8.40 -18.57
C LYS A 200 -29.40 -6.92 -18.64
N PHE A 201 -28.14 -6.69 -19.01
CA PHE A 201 -27.61 -5.33 -19.18
C PHE A 201 -27.21 -5.12 -20.65
N SER A 202 -27.39 -3.88 -21.11
CA SER A 202 -27.17 -3.52 -22.52
C SER A 202 -26.97 -2.01 -22.62
N VAL A 203 -26.69 -1.53 -23.83
CA VAL A 203 -26.67 -0.10 -24.11
C VAL A 203 -28.03 0.51 -23.73
N ALA A 204 -29.10 -0.21 -24.05
CA ALA A 204 -30.48 0.20 -23.75
C ALA A 204 -30.75 0.36 -22.28
N SER A 205 -30.18 -0.51 -21.47
CA SER A 205 -30.38 -0.44 -20.02
C SER A 205 -29.62 0.77 -19.45
N ASP A 206 -28.50 1.11 -20.06
CA ASP A 206 -27.80 2.35 -19.71
C ASP A 206 -28.63 3.58 -20.09
N VAL A 207 -29.31 3.51 -21.23
CA VAL A 207 -30.25 4.58 -21.63
C VAL A 207 -31.38 4.74 -20.58
N TRP A 208 -31.96 3.62 -20.13
CA TRP A 208 -32.91 3.65 -19.01
C TRP A 208 -32.33 4.43 -17.82
N SER A 209 -31.16 3.99 -17.37
CA SER A 209 -30.48 4.61 -16.23
C SER A 209 -30.16 6.10 -16.45
N PHE A 210 -29.73 6.46 -17.66
CA PHE A 210 -29.53 7.85 -18.04
C PHE A 210 -30.81 8.69 -17.82
N GLY A 211 -31.96 8.10 -18.16
CA GLY A 211 -33.24 8.73 -17.86
C GLY A 211 -33.38 9.09 -16.39
N VAL A 212 -32.91 8.20 -15.52
CA VAL A 212 -32.92 8.44 -14.06
C VAL A 212 -31.91 9.54 -13.70
N VAL A 213 -30.72 9.54 -14.32
CA VAL A 213 -29.78 10.66 -14.18
C VAL A 213 -30.41 12.01 -14.61
N LEU A 214 -31.18 12.01 -15.68
CA LEU A 214 -31.83 13.23 -16.15
C LEU A 214 -32.84 13.71 -15.12
N TYR A 215 -33.60 12.77 -14.59
CA TYR A 215 -34.46 13.04 -13.45
C TYR A 215 -33.70 13.65 -12.25
N GLU A 216 -32.58 13.05 -11.90
CA GLU A 216 -31.76 13.51 -10.79
C GLU A 216 -31.38 14.95 -10.99
N LEU A 217 -30.87 15.25 -12.18
CA LEU A 217 -30.45 16.62 -12.55
C LEU A 217 -31.55 17.66 -12.33
N PHE A 218 -32.77 17.37 -12.79
CA PHE A 218 -33.89 18.31 -12.67
C PHE A 218 -34.64 18.28 -11.32
N THR A 219 -34.26 17.37 -10.43
CA THR A 219 -34.68 17.44 -9.01
C THR A 219 -33.64 18.23 -8.19
N TYR A 220 -32.48 18.52 -8.79
CA TYR A 220 -31.40 19.25 -8.10
C TYR A 220 -30.92 18.55 -6.81
N ILE A 221 -31.13 17.23 -6.73
CA ILE A 221 -30.81 16.45 -5.51
C ILE A 221 -31.51 17.07 -4.27
N GLU A 222 -32.80 17.36 -4.41
CA GLU A 222 -33.57 18.13 -3.41
C GLU A 222 -33.73 17.41 -2.07
N LYS A 223 -33.59 16.08 -2.07
CA LYS A 223 -33.86 15.26 -0.88
C LYS A 223 -35.37 15.06 -0.75
N SER A 224 -35.76 13.80 -0.61
CA SER A 224 -37.17 13.37 -0.62
C SER A 224 -37.63 13.21 -2.07
N LYS A 225 -36.90 13.80 -3.00
CA LYS A 225 -37.19 13.71 -4.42
C LYS A 225 -36.26 12.74 -5.16
N SER A 226 -35.27 12.19 -4.47
CA SER A 226 -34.35 11.23 -5.08
C SER A 226 -35.10 9.99 -5.55
N PRO A 227 -34.54 9.27 -6.54
CA PRO A 227 -35.20 8.03 -6.98
C PRO A 227 -35.54 7.05 -5.83
N PRO A 228 -34.60 6.74 -4.91
CA PRO A 228 -34.96 5.86 -3.79
C PRO A 228 -36.12 6.37 -2.94
N ALA A 229 -36.08 7.64 -2.54
CA ALA A 229 -37.14 8.23 -1.70
C ALA A 229 -38.51 8.22 -2.41
N GLU A 230 -38.52 8.64 -3.66
CA GLU A 230 -39.73 8.63 -4.49
C GLU A 230 -40.29 7.23 -4.69
N PHE A 231 -39.46 6.31 -5.18
CA PHE A 231 -39.90 4.92 -5.32
C PHE A 231 -40.40 4.31 -4.02
N MET A 232 -39.69 4.55 -2.93
CA MET A 232 -40.09 3.99 -1.64
C MET A 232 -41.43 4.56 -1.15
N ARG A 233 -41.57 5.86 -1.31
CA ARG A 233 -42.83 6.55 -1.06
C ARG A 233 -43.99 5.96 -1.87
N MET A 234 -43.75 5.65 -3.13
CA MET A 234 -44.77 5.07 -4.03
C MET A 234 -45.06 3.62 -3.65
N ILE A 235 -43.99 2.88 -3.35
CA ILE A 235 -44.06 1.48 -2.95
C ILE A 235 -44.63 1.27 -1.54
N GLY A 236 -44.32 2.19 -0.62
CA GLY A 236 -44.71 2.07 0.79
C GLY A 236 -43.43 2.02 1.61
N ASN A 237 -43.19 3.06 2.41
CA ASN A 237 -41.99 3.18 3.24
C ASN A 237 -41.82 2.07 4.27
N ASP A 238 -42.92 1.39 4.60
CA ASP A 238 -42.92 0.21 5.46
C ASP A 238 -42.11 -0.98 4.90
N LYS A 239 -42.08 -1.10 3.58
CA LYS A 239 -41.52 -2.31 2.91
C LYS A 239 -40.03 -2.55 3.21
N GLN A 240 -39.70 -3.81 3.40
CA GLN A 240 -38.34 -4.22 3.72
C GLN A 240 -37.95 -5.43 2.91
N GLY A 241 -36.65 -5.54 2.68
CA GLY A 241 -36.08 -6.70 2.04
C GLY A 241 -36.48 -6.88 0.59
N GLN A 242 -36.81 -8.12 0.25
CA GLN A 242 -37.12 -8.54 -1.11
C GLN A 242 -38.44 -7.95 -1.59
N MET A 243 -39.38 -7.74 -0.66
CA MET A 243 -40.65 -7.09 -0.94
C MET A 243 -40.48 -5.77 -1.69
N ILE A 244 -39.41 -5.05 -1.39
CA ILE A 244 -39.09 -3.79 -2.07
C ILE A 244 -38.91 -4.06 -3.55
N VAL A 245 -38.11 -5.07 -3.86
CA VAL A 245 -37.85 -5.45 -5.25
C VAL A 245 -39.11 -5.93 -5.97
N PHE A 246 -39.90 -6.76 -5.30
CA PHE A 246 -41.15 -7.29 -5.86
C PHE A 246 -42.06 -6.16 -6.35
N HIS A 247 -42.29 -5.20 -5.47
CA HIS A 247 -43.16 -4.05 -5.75
C HIS A 247 -42.61 -3.06 -6.76
N LEU A 248 -41.30 -2.80 -6.73
CA LEU A 248 -40.64 -1.99 -7.77
C LEU A 248 -40.83 -2.60 -9.16
N ILE A 249 -40.62 -3.92 -9.26
CA ILE A 249 -40.78 -4.61 -10.54
C ILE A 249 -42.21 -4.42 -11.05
N GLU A 250 -43.16 -4.84 -10.22
CA GLU A 250 -44.57 -4.70 -10.49
C GLU A 250 -44.96 -3.26 -10.86
N LEU A 251 -44.46 -2.31 -10.07
CA LEU A 251 -44.64 -0.88 -10.32
C LEU A 251 -44.16 -0.47 -11.72
N LEU A 252 -42.92 -0.86 -12.05
CA LEU A 252 -42.33 -0.46 -13.32
C LEU A 252 -42.98 -1.14 -14.51
N LYS A 253 -43.27 -2.43 -14.35
CA LYS A 253 -43.83 -3.22 -15.45
C LYS A 253 -45.19 -2.69 -15.93
N ASN A 254 -45.91 -2.03 -15.04
CA ASN A 254 -47.23 -1.48 -15.34
C ASN A 254 -47.22 0.05 -15.34
N ASN A 255 -46.10 0.61 -15.80
CA ASN A 255 -45.99 2.02 -16.20
C ASN A 255 -45.88 3.00 -15.03
N GLY A 256 -45.54 2.51 -13.84
CA GLY A 256 -45.29 3.39 -12.71
C GLY A 256 -43.92 4.03 -12.90
N ARG A 257 -43.85 5.35 -12.73
CA ARG A 257 -42.63 6.10 -13.09
C ARG A 257 -42.33 7.17 -12.06
N LEU A 258 -41.08 7.60 -12.00
CA LEU A 258 -40.75 8.80 -11.24
C LEU A 258 -41.57 9.98 -11.78
N PRO A 259 -42.01 10.88 -10.89
CA PRO A 259 -42.80 12.00 -11.32
C PRO A 259 -41.94 13.06 -12.00
N ARG A 260 -42.58 13.99 -12.70
CA ARG A 260 -41.90 15.12 -13.32
C ARG A 260 -41.46 16.05 -12.21
N PRO A 261 -40.14 16.31 -12.11
CA PRO A 261 -39.72 17.28 -11.10
C PRO A 261 -40.42 18.63 -11.25
N ASP A 262 -40.56 19.33 -10.14
CA ASP A 262 -41.19 20.63 -10.13
C ASP A 262 -40.28 21.62 -10.85
N GLY A 263 -40.85 22.39 -11.77
CA GLY A 263 -40.07 23.29 -12.62
C GLY A 263 -39.47 22.66 -13.87
N CYS A 264 -39.61 21.33 -14.02
CA CYS A 264 -39.02 20.62 -15.15
C CYS A 264 -39.88 20.81 -16.39
N PRO A 265 -39.30 21.28 -17.51
CA PRO A 265 -40.13 21.45 -18.68
C PRO A 265 -40.70 20.13 -19.21
N ASP A 266 -41.94 20.17 -19.66
CA ASP A 266 -42.63 19.02 -20.25
C ASP A 266 -41.73 18.27 -21.25
N GLU A 267 -41.00 19.03 -22.05
CA GLU A 267 -40.17 18.46 -23.11
C GLU A 267 -39.04 17.59 -22.57
N ILE A 268 -38.46 18.03 -21.45
CA ILE A 268 -37.37 17.29 -20.80
C ILE A 268 -37.92 16.04 -20.11
N TYR A 269 -39.09 16.17 -19.48
CA TYR A 269 -39.78 15.02 -18.89
C TYR A 269 -40.10 13.98 -19.96
N MET A 270 -40.50 14.43 -21.15
CA MET A 270 -40.72 13.53 -22.27
C MET A 270 -39.50 12.66 -22.61
N ILE A 271 -38.30 13.25 -22.48
CA ILE A 271 -37.07 12.53 -22.76
C ILE A 271 -36.87 11.43 -21.74
N MET A 272 -37.07 11.77 -20.46
CA MET A 272 -37.00 10.82 -19.35
C MET A 272 -37.90 9.63 -19.64
N THR A 273 -39.17 9.94 -19.90
CA THR A 273 -40.24 8.99 -20.24
C THR A 273 -39.92 8.04 -21.38
N GLU A 274 -39.29 8.55 -22.42
CA GLU A 274 -38.89 7.74 -23.57
C GLU A 274 -37.72 6.80 -23.27
N CYS A 275 -36.82 7.28 -22.41
CA CYS A 275 -35.72 6.45 -21.93
C CYS A 275 -36.28 5.33 -21.07
N TRP A 276 -37.28 5.65 -20.24
CA TRP A 276 -37.93 4.65 -19.41
C TRP A 276 -39.02 3.91 -20.18
N ASN A 277 -38.64 3.25 -21.25
CA ASN A 277 -39.59 2.47 -22.03
C ASN A 277 -39.33 1.01 -21.74
N ASN A 278 -40.35 0.28 -21.35
CA ASN A 278 -40.22 -1.16 -21.10
C ASN A 278 -39.75 -1.95 -22.32
N ASN A 279 -40.06 -1.45 -23.52
CA ASN A 279 -39.58 -2.03 -24.76
C ASN A 279 -38.14 -1.58 -25.01
N VAL A 280 -37.20 -2.46 -24.70
CA VAL A 280 -35.75 -2.21 -24.79
C VAL A 280 -35.37 -1.54 -26.11
N ASN A 281 -35.91 -2.09 -27.20
CA ASN A 281 -35.56 -1.67 -28.56
C ASN A 281 -36.19 -0.34 -29.00
N GLN A 282 -37.18 0.14 -28.26
CA GLN A 282 -37.86 1.39 -28.58
C GLN A 282 -37.24 2.57 -27.86
N ARG A 283 -36.31 2.30 -26.93
CA ARG A 283 -35.57 3.37 -26.27
C ARG A 283 -34.69 4.06 -27.30
N PRO A 284 -34.46 5.37 -27.12
CA PRO A 284 -33.63 6.11 -28.05
C PRO A 284 -32.15 5.79 -27.82
N SER A 285 -31.32 6.03 -28.84
CA SER A 285 -29.87 5.84 -28.71
C SER A 285 -29.24 7.05 -28.01
N PHE A 286 -28.02 6.89 -27.53
CA PHE A 286 -27.30 8.02 -26.97
C PHE A 286 -27.01 9.11 -28.00
N ARG A 287 -26.85 8.72 -29.27
CA ARG A 287 -26.65 9.70 -30.35
C ARG A 287 -27.90 10.54 -30.61
N ASP A 288 -29.06 9.89 -30.65
CA ASP A 288 -30.38 10.53 -30.71
C ASP A 288 -30.55 11.55 -29.60
N LEU A 289 -30.20 11.11 -28.40
CA LEU A 289 -30.31 11.92 -27.18
C LEU A 289 -29.44 13.17 -27.18
N ALA A 290 -28.15 13.01 -27.51
CA ALA A 290 -27.24 14.17 -27.56
C ALA A 290 -27.69 15.20 -28.61
N LEU A 291 -28.10 14.70 -29.77
CA LEU A 291 -28.60 15.55 -30.84
C LEU A 291 -29.87 16.31 -30.42
N ARG A 292 -30.82 15.60 -29.82
CA ARG A 292 -32.05 16.22 -29.34
C ARG A 292 -31.78 17.24 -28.25
N VAL A 293 -30.90 16.89 -27.31
CA VAL A 293 -30.57 17.80 -26.23
C VAL A 293 -29.88 19.05 -26.79
N ASP A 294 -28.94 18.85 -27.71
CA ASP A 294 -28.17 19.97 -28.22
C ASP A 294 -29.01 20.88 -29.13
N GLN A 295 -29.98 20.28 -29.81
CA GLN A 295 -30.96 21.01 -30.60
C GLN A 295 -31.91 21.82 -29.73
N ILE A 296 -32.36 21.25 -28.61
CA ILE A 296 -33.14 22.01 -27.62
C ILE A 296 -32.29 23.21 -27.18
N ARG A 297 -31.07 22.95 -26.75
CA ARG A 297 -30.15 24.01 -26.29
C ARG A 297 -29.90 25.09 -27.38
N ASP A 298 -29.71 24.65 -28.63
CA ASP A 298 -29.47 25.55 -29.75
C ASP A 298 -30.70 26.39 -30.11
N ASN A 299 -31.88 25.77 -30.06
CA ASN A 299 -33.16 26.44 -30.33
C ASN A 299 -33.63 27.39 -29.20
N MET A 300 -33.13 27.18 -27.98
CA MET A 300 -33.48 28.02 -26.83
C MET A 300 -32.73 29.36 -26.81
N ALA A 301 -31.46 29.33 -27.18
CA ALA A 301 -30.51 30.46 -27.01
C ALA A 301 -31.04 31.85 -27.41
N GLY A 302 -32.11 31.90 -28.20
CA GLY A 302 -32.80 33.16 -28.51
C GLY A 302 -34.17 33.20 -27.88
N ALA B 5 7.01 43.77 -19.28
CA ALA B 5 8.11 43.26 -18.42
C ALA B 5 7.60 42.94 -17.06
N PHE B 6 8.44 42.27 -16.31
CA PHE B 6 8.04 41.83 -14.99
C PHE B 6 9.24 41.71 -14.09
N GLU B 7 9.12 42.36 -12.94
CA GLU B 7 10.06 42.18 -11.85
C GLU B 7 9.24 41.77 -10.62
N ASP B 8 9.16 40.46 -10.37
CA ASP B 8 8.51 39.95 -9.15
C ASP B 8 9.39 40.24 -7.96
N ARG B 9 9.07 41.33 -7.28
CA ARG B 9 9.81 41.73 -6.09
C ARG B 9 9.01 41.44 -4.83
N ASP B 10 7.94 40.67 -4.95
CA ASP B 10 7.10 40.35 -3.78
C ASP B 10 6.42 38.99 -3.95
N PRO B 11 7.10 37.90 -3.55
CA PRO B 11 6.51 36.55 -3.58
C PRO B 11 5.41 36.30 -2.53
N THR B 12 5.10 37.30 -1.71
CA THR B 12 3.98 37.19 -0.76
C THR B 12 2.69 37.73 -1.37
N GLN B 13 2.77 38.25 -2.58
CA GLN B 13 1.57 38.62 -3.34
C GLN B 13 1.23 37.53 -4.36
N PHE B 14 0.03 37.00 -4.21
CA PHE B 14 -0.45 35.91 -5.04
C PHE B 14 -1.48 36.49 -6.01
N GLU B 15 -1.45 36.04 -7.26
CA GLU B 15 -2.39 36.54 -8.27
C GLU B 15 -3.62 35.65 -8.35
N GLU B 16 -4.81 36.24 -8.23
CA GLU B 16 -6.05 35.45 -8.12
C GLU B 16 -6.30 34.49 -9.28
N ARG B 17 -5.87 34.86 -10.49
CA ARG B 17 -6.13 34.04 -11.68
C ARG B 17 -5.30 32.74 -11.71
N HIS B 18 -4.20 32.72 -10.98
CA HIS B 18 -3.35 31.52 -10.87
C HIS B 18 -3.59 30.70 -9.60
N LEU B 19 -4.60 31.10 -8.83
CA LEU B 19 -4.97 30.40 -7.60
C LEU B 19 -6.16 29.48 -7.91
N LYS B 20 -5.88 28.19 -8.11
CA LYS B 20 -6.88 27.21 -8.54
C LYS B 20 -7.47 26.40 -7.37
N PHE B 21 -8.78 26.47 -7.17
CA PHE B 21 -9.45 25.67 -6.15
C PHE B 21 -9.15 24.17 -6.28
N LEU B 22 -9.03 23.50 -5.13
CA LEU B 22 -8.80 22.05 -5.09
C LEU B 22 -9.74 21.35 -4.12
N GLN B 23 -9.90 21.88 -2.91
CA GLN B 23 -10.71 21.22 -1.86
C GLN B 23 -11.06 22.15 -0.68
N GLN B 24 -12.31 22.07 -0.22
CA GLN B 24 -12.76 22.75 1.00
C GLN B 24 -12.17 22.08 2.25
N LEU B 25 -11.59 22.87 3.15
CA LEU B 25 -10.85 22.31 4.29
C LEU B 25 -11.56 22.47 5.63
N GLY B 26 -12.31 23.54 5.81
CA GLY B 26 -13.04 23.74 7.05
C GLY B 26 -13.27 25.19 7.41
N LYS B 27 -14.05 25.36 8.48
CA LYS B 27 -14.33 26.66 9.04
C LYS B 27 -13.26 27.05 10.06
N GLY B 28 -12.87 28.31 10.02
CA GLY B 28 -12.13 28.95 11.10
C GLY B 28 -12.89 30.19 11.52
N ASN B 29 -12.34 30.93 12.50
CA ASN B 29 -12.98 32.16 12.99
C ASN B 29 -13.32 33.13 11.86
N PHE B 30 -14.60 33.52 11.78
CA PHE B 30 -15.10 34.55 10.82
C PHE B 30 -15.13 34.14 9.34
N GLY B 31 -14.66 32.93 9.01
CA GLY B 31 -14.50 32.58 7.61
C GLY B 31 -14.28 31.12 7.30
N SER B 32 -13.55 30.88 6.21
CA SER B 32 -13.52 29.58 5.55
C SER B 32 -12.14 29.36 4.92
N VAL B 33 -11.67 28.13 4.98
CA VAL B 33 -10.34 27.78 4.47
C VAL B 33 -10.45 26.69 3.39
N GLU B 34 -9.72 26.92 2.30
CA GLU B 34 -9.78 26.07 1.12
C GLU B 34 -8.41 25.67 0.65
N MET B 35 -8.30 24.46 0.10
CA MET B 35 -7.07 23.97 -0.49
C MET B 35 -7.03 24.44 -1.94
N CYS B 36 -5.90 25.01 -2.35
CA CYS B 36 -5.72 25.50 -3.71
C CYS B 36 -4.34 25.16 -4.21
N ARG B 37 -4.19 25.15 -5.53
CA ARG B 37 -2.88 25.08 -6.17
C ARG B 37 -2.54 26.47 -6.69
N TYR B 38 -1.32 26.94 -6.42
CA TYR B 38 -0.82 28.16 -7.06
C TYR B 38 0.01 27.80 -8.27
N ASP B 39 -0.51 28.13 -9.45
CA ASP B 39 0.07 27.65 -10.72
C ASP B 39 0.13 28.74 -11.80
N PRO B 40 1.07 29.69 -11.66
CA PRO B 40 1.17 30.81 -12.61
C PRO B 40 1.69 30.39 -14.00
N LEU B 41 2.47 29.31 -14.04
CA LEU B 41 2.88 28.70 -15.30
C LEU B 41 1.71 28.04 -16.06
N GLN B 42 0.60 27.85 -15.35
CA GLN B 42 -0.64 27.26 -15.92
C GLN B 42 -0.46 25.83 -16.46
N ASP B 43 0.66 25.20 -16.14
CA ASP B 43 1.01 23.88 -16.68
C ASP B 43 0.63 22.73 -15.75
N ASN B 44 -0.05 23.04 -14.65
CA ASN B 44 -0.54 22.05 -13.67
C ASN B 44 0.46 21.64 -12.57
N THR B 45 1.70 22.14 -12.64
CA THR B 45 2.71 21.87 -11.60
C THR B 45 3.05 23.14 -10.82
N GLY B 46 2.43 23.27 -9.65
CA GLY B 46 2.69 24.37 -8.72
C GLY B 46 2.43 23.94 -7.28
N GLU B 47 2.89 24.75 -6.32
CA GLU B 47 2.73 24.43 -4.89
C GLU B 47 1.27 24.45 -4.44
N VAL B 48 0.94 23.59 -3.47
CA VAL B 48 -0.41 23.50 -2.93
C VAL B 48 -0.48 24.29 -1.63
N VAL B 49 -1.53 25.12 -1.51
CA VAL B 49 -1.64 26.12 -0.45
C VAL B 49 -3.03 26.10 0.20
N ALA B 50 -3.10 26.60 1.44
CA ALA B 50 -4.37 26.79 2.14
C ALA B 50 -4.70 28.29 2.10
N VAL B 51 -5.95 28.59 1.75
CA VAL B 51 -6.38 29.97 1.53
C VAL B 51 -7.59 30.30 2.37
N LYS B 52 -7.44 31.27 3.27
CA LYS B 52 -8.55 31.70 4.12
C LYS B 52 -9.22 32.90 3.48
N LYS B 53 -10.54 32.89 3.50
CA LYS B 53 -11.33 33.99 3.03
C LYS B 53 -12.43 34.23 4.04
N LEU B 54 -12.98 35.44 4.04
CA LEU B 54 -14.08 35.76 4.94
C LEU B 54 -15.39 35.17 4.43
N GLN B 55 -16.29 34.92 5.37
CA GLN B 55 -17.67 34.53 5.07
C GLN B 55 -18.56 35.49 5.84
N HIS B 56 -19.67 35.88 5.23
CA HIS B 56 -20.54 36.93 5.78
C HIS B 56 -19.69 38.15 6.16
N SER B 57 -18.99 38.68 5.16
CA SER B 57 -17.98 39.73 5.34
C SER B 57 -18.57 41.10 5.66
N THR B 58 -17.74 41.94 6.29
CA THR B 58 -18.09 43.33 6.61
C THR B 58 -16.83 44.17 6.69
N GLU B 59 -17.00 45.45 7.04
CA GLU B 59 -15.89 46.38 7.20
C GLU B 59 -15.01 46.00 8.40
N GLU B 60 -15.65 45.86 9.56
CA GLU B 60 -14.97 45.54 10.82
C GLU B 60 -14.21 44.21 10.74
N HIS B 61 -14.84 43.23 10.10
CA HIS B 61 -14.25 41.91 9.87
C HIS B 61 -12.96 42.00 9.08
N LEU B 62 -13.02 42.72 7.97
CA LEU B 62 -11.87 42.90 7.07
C LEU B 62 -10.67 43.52 7.80
N ARG B 63 -10.93 44.46 8.70
CA ARG B 63 -9.88 45.09 9.50
C ARG B 63 -9.26 44.15 10.53
N ASP B 64 -10.08 43.30 11.14
CA ASP B 64 -9.57 42.25 12.05
C ASP B 64 -8.80 41.21 11.25
N PHE B 65 -9.29 40.89 10.05
CA PHE B 65 -8.61 39.96 9.16
C PHE B 65 -7.21 40.46 8.77
N GLU B 66 -7.14 41.74 8.39
CA GLU B 66 -5.86 42.43 8.17
C GLU B 66 -4.87 42.33 9.36
N ARG B 67 -5.39 42.48 10.57
CA ARG B 67 -4.57 42.34 11.77
C ARG B 67 -4.16 40.89 11.94
N GLU B 68 -5.07 39.97 11.67
CA GLU B 68 -4.76 38.54 11.77
C GLU B 68 -3.58 38.18 10.85
N ILE B 69 -3.68 38.59 9.58
CA ILE B 69 -2.64 38.46 8.57
C ILE B 69 -1.27 39.06 9.02
N GLU B 70 -1.28 40.25 9.62
CA GLU B 70 -0.03 40.87 10.12
C GLU B 70 0.54 40.07 11.27
N ILE B 71 -0.32 39.69 12.22
CA ILE B 71 0.11 38.78 13.27
C ILE B 71 0.78 37.53 12.68
N LEU B 72 0.10 36.84 11.78
CA LEU B 72 0.61 35.56 11.26
C LEU B 72 1.92 35.69 10.49
N LYS B 73 2.02 36.78 9.74
CA LYS B 73 3.21 37.14 8.98
C LYS B 73 4.40 37.45 9.91
N SER B 74 4.12 38.02 11.08
CA SER B 74 5.15 38.36 12.06
C SER B 74 5.76 37.17 12.81
N LEU B 75 5.24 35.97 12.53
CA LEU B 75 5.55 34.79 13.33
C LEU B 75 6.32 33.82 12.47
N GLN B 76 7.49 33.40 12.95
CA GLN B 76 8.30 32.34 12.29
C GLN B 76 8.81 31.35 13.34
N HIS B 77 8.19 30.17 13.36
CA HIS B 77 8.43 29.18 14.39
C HIS B 77 7.95 27.80 13.91
N ASP B 78 8.71 26.76 14.23
CA ASP B 78 8.41 25.38 13.83
C ASP B 78 7.01 24.91 14.24
N ASN B 79 6.47 25.49 15.30
CA ASN B 79 5.18 25.10 15.85
C ASN B 79 4.10 26.15 15.67
N ILE B 80 4.17 26.89 14.57
CA ILE B 80 3.18 27.92 14.23
C ILE B 80 2.89 27.83 12.74
N VAL B 81 1.63 27.85 12.36
CA VAL B 81 1.28 27.71 10.94
C VAL B 81 1.99 28.79 10.08
N LYS B 82 2.61 28.37 8.98
CA LYS B 82 3.36 29.30 8.12
C LYS B 82 2.50 30.24 7.29
N TYR B 83 2.76 31.54 7.43
CA TYR B 83 2.25 32.56 6.53
C TYR B 83 2.95 32.36 5.21
N LYS B 84 2.22 32.53 4.10
CA LYS B 84 2.84 32.51 2.76
C LYS B 84 2.66 33.82 2.04
N GLY B 85 1.45 34.37 2.11
CA GLY B 85 1.18 35.62 1.43
C GLY B 85 -0.27 36.02 1.51
N VAL B 86 -0.60 37.08 0.77
CA VAL B 86 -1.97 37.56 0.62
C VAL B 86 -2.34 37.55 -0.86
N CYS B 87 -3.64 37.40 -1.12
CA CYS B 87 -4.20 37.51 -2.47
C CYS B 87 -5.28 38.57 -2.46
N TYR B 88 -5.15 39.56 -3.33
CA TYR B 88 -6.11 40.63 -3.42
C TYR B 88 -7.06 40.28 -4.55
N SER B 89 -8.13 39.57 -4.19
CA SER B 89 -9.09 39.08 -5.17
C SER B 89 -10.11 40.16 -5.54
N ALA B 90 -10.95 39.82 -6.51
CA ALA B 90 -11.96 40.70 -7.09
C ALA B 90 -11.36 42.03 -7.56
N GLY B 91 -10.28 41.94 -8.35
CA GLY B 91 -9.58 43.11 -8.87
C GLY B 91 -8.99 43.96 -7.78
N ARG B 92 -8.46 43.30 -6.76
CA ARG B 92 -7.87 43.95 -5.58
C ARG B 92 -8.91 44.73 -4.80
N ARG B 93 -10.09 44.14 -4.63
CA ARG B 93 -11.18 44.73 -3.84
C ARG B 93 -11.69 43.74 -2.80
N ASN B 94 -10.80 42.84 -2.40
CA ASN B 94 -11.09 41.77 -1.46
C ASN B 94 -9.74 41.21 -0.97
N LEU B 95 -9.77 40.49 0.15
CA LEU B 95 -8.55 40.05 0.85
C LEU B 95 -8.64 38.56 1.15
N LYS B 96 -7.56 37.85 0.91
CA LYS B 96 -7.45 36.44 1.23
C LYS B 96 -6.04 36.13 1.73
N LEU B 97 -5.96 35.27 2.74
CA LEU B 97 -4.72 34.91 3.40
C LEU B 97 -4.19 33.60 2.81
N ILE B 98 -2.97 33.62 2.28
CA ILE B 98 -2.30 32.39 1.83
C ILE B 98 -1.42 31.77 2.95
N MET B 99 -1.63 30.50 3.25
CA MET B 99 -0.90 29.76 4.28
C MET B 99 -0.46 28.41 3.73
N GLU B 100 0.39 27.72 4.49
CA GLU B 100 0.79 26.35 4.11
C GLU B 100 -0.37 25.39 4.22
N TYR B 101 -0.39 24.42 3.33
CA TYR B 101 -1.38 23.36 3.39
C TYR B 101 -0.81 22.27 4.29
N LEU B 102 -1.59 21.88 5.29
CA LEU B 102 -1.23 20.77 6.19
C LEU B 102 -2.30 19.69 6.06
N PRO B 103 -2.03 18.65 5.23
CA PRO B 103 -3.03 17.65 4.86
C PRO B 103 -3.65 16.88 6.04
N TYR B 104 -2.91 16.69 7.13
CA TYR B 104 -3.43 15.96 8.28
C TYR B 104 -4.45 16.74 9.13
N GLY B 105 -4.63 18.02 8.84
CA GLY B 105 -5.73 18.79 9.38
C GLY B 105 -5.58 19.06 10.86
N SER B 106 -6.69 19.32 11.53
CA SER B 106 -6.63 19.71 12.94
C SER B 106 -6.27 18.54 13.89
N LEU B 107 -5.54 18.86 14.95
CA LEU B 107 -5.21 17.90 15.99
C LEU B 107 -6.45 17.20 16.54
N ARG B 108 -7.55 17.94 16.66
CA ARG B 108 -8.85 17.42 17.14
C ARG B 108 -9.28 16.21 16.31
N ASP B 109 -9.36 16.37 14.99
CA ASP B 109 -9.75 15.28 14.11
C ASP B 109 -8.69 14.18 14.12
N TYR B 110 -7.44 14.59 13.92
CA TYR B 110 -6.32 13.66 13.88
C TYR B 110 -6.26 12.76 15.11
N LEU B 111 -6.49 13.33 16.27
CA LEU B 111 -6.46 12.59 17.53
C LEU B 111 -7.60 11.56 17.60
N GLN B 112 -8.80 11.95 17.16
CA GLN B 112 -9.92 11.01 17.04
C GLN B 112 -9.58 9.86 16.07
N LYS B 113 -9.05 10.21 14.90
CA LYS B 113 -8.71 9.24 13.85
C LYS B 113 -7.59 8.25 14.24
N HIS B 114 -6.59 8.74 14.97
CA HIS B 114 -5.39 7.97 15.23
C HIS B 114 -5.08 7.77 16.73
N LYS B 115 -6.09 7.89 17.59
CA LYS B 115 -5.91 7.64 19.02
C LYS B 115 -5.27 6.27 19.35
N GLU B 116 -5.51 5.27 18.49
CA GLU B 116 -5.00 3.92 18.76
C GLU B 116 -3.48 3.81 18.63
N ARG B 117 -2.83 4.84 18.08
CA ARG B 117 -1.37 4.84 17.97
C ARG B 117 -0.72 5.98 18.78
N ILE B 118 -1.54 6.70 19.53
CA ILE B 118 -1.09 7.88 20.27
C ILE B 118 -1.14 7.55 21.76
N ASP B 119 0.04 7.34 22.31
CA ASP B 119 0.23 7.05 23.73
C ASP B 119 0.57 8.34 24.46
N HIS B 120 0.74 8.24 25.78
CA HIS B 120 0.98 9.40 26.61
C HIS B 120 2.21 10.20 26.19
N ILE B 121 3.29 9.51 25.84
CA ILE B 121 4.55 10.16 25.50
C ILE B 121 4.40 11.02 24.21
N LYS B 122 3.56 10.54 23.28
CA LYS B 122 3.26 11.26 22.04
C LYS B 122 2.30 12.44 22.27
N LEU B 123 1.35 12.26 23.18
CA LEU B 123 0.50 13.36 23.61
C LEU B 123 1.34 14.47 24.23
N LEU B 124 2.35 14.06 25.00
CA LEU B 124 3.21 15.01 25.70
C LEU B 124 4.12 15.71 24.70
N GLN B 125 4.49 15.00 23.65
CA GLN B 125 5.27 15.59 22.56
C GLN B 125 4.49 16.73 21.90
N TYR B 126 3.20 16.49 21.64
CA TYR B 126 2.33 17.50 21.04
C TYR B 126 2.13 18.65 22.02
N THR B 127 1.88 18.30 23.27
CA THR B 127 1.67 19.27 24.36
C THR B 127 2.83 20.26 24.44
N SER B 128 4.04 19.71 24.41
CA SER B 128 5.26 20.50 24.60
C SER B 128 5.49 21.45 23.42
N GLN B 129 5.20 20.96 22.22
CA GLN B 129 5.20 21.80 21.01
C GLN B 129 4.27 23.00 21.09
N ILE B 130 3.05 22.76 21.58
CA ILE B 130 2.09 23.85 21.77
C ILE B 130 2.66 24.88 22.74
N CYS B 131 3.25 24.42 23.85
CA CYS B 131 3.90 25.32 24.83
C CYS B 131 5.01 26.19 24.21
N LYS B 132 5.79 25.59 23.33
CA LYS B 132 6.91 26.26 22.67
C LYS B 132 6.45 27.32 21.70
N GLY B 133 5.42 27.00 20.92
CA GLY B 133 4.77 28.00 20.08
C GLY B 133 4.17 29.11 20.93
N MET B 134 3.67 28.77 22.12
CA MET B 134 3.11 29.78 23.03
C MET B 134 4.20 30.62 23.68
N GLU B 135 5.29 29.98 24.09
CA GLU B 135 6.51 30.72 24.48
C GLU B 135 6.86 31.77 23.44
N TYR B 136 6.89 31.35 22.17
CA TYR B 136 7.20 32.25 21.05
C TYR B 136 6.22 33.43 20.90
N LEU B 137 4.91 33.16 20.99
CA LEU B 137 3.91 34.24 20.99
C LEU B 137 4.18 35.28 22.08
N GLY B 138 4.49 34.78 23.27
CA GLY B 138 4.77 35.65 24.41
C GLY B 138 5.87 36.66 24.16
N THR B 139 6.87 36.27 23.37
CA THR B 139 8.01 37.14 23.09
C THR B 139 7.63 38.31 22.20
N LYS B 140 6.61 38.11 21.37
CA LYS B 140 6.03 39.17 20.56
C LYS B 140 4.79 39.77 21.25
N ARG B 141 4.59 39.36 22.51
CA ARG B 141 3.53 39.86 23.39
C ARG B 141 2.12 39.60 22.80
N TYR B 142 2.00 38.48 22.11
CA TYR B 142 0.72 38.08 21.56
C TYR B 142 -0.04 37.21 22.54
N ILE B 143 -1.33 37.49 22.70
CA ILE B 143 -2.27 36.67 23.50
C ILE B 143 -3.21 35.94 22.53
N HIS B 144 -3.07 34.63 22.42
CA HIS B 144 -3.82 33.87 21.41
C HIS B 144 -5.34 33.98 21.56
N ARG B 145 -5.81 33.80 22.81
CA ARG B 145 -7.23 33.93 23.22
C ARG B 145 -8.16 32.76 22.84
N ASP B 146 -7.70 31.82 22.03
CA ASP B 146 -8.54 30.73 21.49
C ASP B 146 -7.84 29.36 21.33
N LEU B 147 -6.95 29.04 22.26
CA LEU B 147 -6.32 27.73 22.26
C LEU B 147 -7.37 26.66 22.43
N ALA B 148 -7.35 25.68 21.54
CA ALA B 148 -8.28 24.54 21.51
C ALA B 148 -7.68 23.56 20.53
N THR B 149 -8.01 22.27 20.59
CA THR B 149 -7.37 21.29 19.68
C THR B 149 -7.85 21.49 18.22
N ARG B 150 -9.04 22.03 18.06
CA ARG B 150 -9.60 22.39 16.76
C ARG B 150 -8.80 23.49 16.05
N ASN B 151 -8.03 24.25 16.84
CA ASN B 151 -7.24 25.36 16.31
C ASN B 151 -5.75 25.06 16.22
N ILE B 152 -5.40 23.79 16.45
CA ILE B 152 -4.04 23.28 16.33
C ILE B 152 -4.00 22.38 15.12
N LEU B 153 -2.91 22.48 14.36
CA LEU B 153 -2.76 21.76 13.11
C LEU B 153 -1.69 20.68 13.26
N VAL B 154 -1.83 19.63 12.47
CA VAL B 154 -0.82 18.57 12.46
C VAL B 154 -0.01 18.63 11.16
N GLU B 155 1.30 18.74 11.25
CA GLU B 155 2.14 18.66 10.05
C GLU B 155 2.46 17.19 9.72
N ASN B 156 2.90 16.47 10.75
CA ASN B 156 3.20 15.04 10.66
C ASN B 156 2.99 14.38 12.03
N GLU B 157 3.19 13.07 12.09
CA GLU B 157 3.10 12.26 13.31
C GLU B 157 3.89 12.86 14.49
N ASN B 158 4.99 13.53 14.17
CA ASN B 158 5.86 14.08 15.20
C ASN B 158 5.70 15.58 15.43
N ARG B 159 4.85 16.26 14.65
CA ARG B 159 4.77 17.72 14.75
C ARG B 159 3.40 18.33 14.54
N VAL B 160 3.05 19.23 15.45
CA VAL B 160 1.85 20.02 15.41
C VAL B 160 2.17 21.52 15.45
N LYS B 161 1.23 22.33 14.98
CA LYS B 161 1.45 23.76 14.83
C LYS B 161 0.25 24.53 15.26
N ILE B 162 0.51 25.62 15.97
CA ILE B 162 -0.55 26.47 16.45
C ILE B 162 -1.07 27.27 15.26
N GLY B 163 -2.39 27.23 15.06
CA GLY B 163 -3.03 28.03 14.04
C GLY B 163 -4.05 29.01 14.59
N ASP B 164 -4.92 29.47 13.71
CA ASP B 164 -6.09 30.28 14.07
C ASP B 164 -5.83 31.48 14.97
N PHE B 165 -5.20 32.50 14.41
CA PHE B 165 -4.86 33.71 15.19
C PHE B 165 -5.90 34.81 14.98
N GLY B 166 -7.13 34.40 14.64
CA GLY B 166 -8.20 35.34 14.35
C GLY B 166 -8.74 36.09 15.55
N LEU B 167 -8.50 35.57 16.74
CA LEU B 167 -8.90 36.25 17.98
C LEU B 167 -7.70 36.82 18.74
N THR B 168 -6.50 36.73 18.16
CA THR B 168 -5.27 37.09 18.86
C THR B 168 -5.17 38.59 19.06
N LYS B 169 -4.57 38.99 20.17
CA LYS B 169 -4.44 40.39 20.57
C LYS B 169 -3.01 40.69 20.97
N VAL B 170 -2.62 41.97 20.93
CA VAL B 170 -1.26 42.40 21.25
C VAL B 170 -1.31 43.25 22.51
N LEU B 171 -0.45 42.93 23.47
CA LEU B 171 -0.44 43.63 24.76
C LEU B 171 0.11 45.03 24.56
N PRO B 172 -0.63 46.04 25.02
CA PRO B 172 -0.14 47.41 24.95
C PRO B 172 1.22 47.52 25.57
N GLN B 173 1.90 48.57 25.19
CA GLN B 173 3.27 48.82 25.63
C GLN B 173 3.49 48.52 27.12
N ASP B 174 2.56 49.00 27.96
CA ASP B 174 2.74 48.97 29.42
C ASP B 174 1.74 48.09 30.18
N LYS B 175 0.99 47.25 29.47
CA LYS B 175 -0.07 46.43 30.10
C LYS B 175 0.17 44.92 29.97
N GLU B 176 -0.14 44.18 31.03
CA GLU B 176 0.06 42.73 31.08
C GLU B 176 -1.25 41.93 30.89
N PTR B 177 -2.35 42.64 30.69
CA PTR B 177 -3.62 42.00 30.34
C PTR B 177 -4.27 42.86 29.26
O PTR B 177 -3.99 44.04 29.19
CB PTR B 177 -4.54 41.84 31.56
CG PTR B 177 -5.07 43.14 32.12
CD1 PTR B 177 -4.61 43.62 33.35
CD2 PTR B 177 -6.05 43.87 31.46
CE1 PTR B 177 -5.10 44.81 33.87
CE2 PTR B 177 -6.54 45.05 31.97
CZ PTR B 177 -6.07 45.52 33.18
OH PTR B 177 -6.54 46.60 33.58
P PTR B 177 -6.62 47.10 35.11
O1P PTR B 177 -7.36 48.44 35.10
O2P PTR B 177 -7.36 46.07 35.88
O3P PTR B 177 -5.21 47.28 35.73
N PTR B 178 -5.13 42.25 28.45
CA PTR B 178 -5.89 42.96 27.42
C PTR B 178 -7.40 42.78 27.66
O PTR B 178 -7.90 41.66 27.66
CB PTR B 178 -5.46 42.51 26.01
CG PTR B 178 -6.09 43.30 24.88
CD1 PTR B 178 -5.31 44.11 24.05
CD2 PTR B 178 -7.45 43.21 24.60
CE1 PTR B 178 -5.89 44.84 23.02
CE2 PTR B 178 -8.03 43.92 23.57
CZ PTR B 178 -7.26 44.73 22.78
OH PTR B 178 -7.85 45.34 21.88
P PTR B 178 -7.18 45.97 20.55
O1P PTR B 178 -6.54 47.26 20.95
O2P PTR B 178 -8.24 46.23 19.48
O3P PTR B 178 -6.13 44.99 19.98
N LYS B 179 -8.11 43.87 27.88
CA LYS B 179 -9.56 43.81 28.08
C LYS B 179 -10.27 43.90 26.74
N VAL B 180 -11.06 42.87 26.43
CA VAL B 180 -11.80 42.82 25.17
C VAL B 180 -13.24 42.40 25.42
N LYS B 181 -14.17 43.34 25.22
CA LYS B 181 -15.61 43.07 25.33
C LYS B 181 -16.17 42.52 24.02
N GLU B 182 -16.51 41.23 24.02
CA GLU B 182 -17.05 40.53 22.84
C GLU B 182 -18.54 40.26 23.01
N PRO B 183 -19.38 40.71 22.06
CA PRO B 183 -20.82 40.46 22.12
C PRO B 183 -21.32 39.20 21.40
N GLY B 184 -20.43 38.22 21.18
CA GLY B 184 -20.78 37.02 20.41
C GLY B 184 -20.64 35.75 21.22
N GLU B 185 -20.51 34.63 20.51
CA GLU B 185 -20.44 33.29 21.11
C GLU B 185 -19.01 32.91 21.54
N SER B 186 -18.53 33.51 22.62
CA SER B 186 -17.21 33.15 23.20
C SER B 186 -17.10 31.67 23.60
N PRO B 187 -15.90 31.06 23.44
CA PRO B 187 -15.69 29.66 23.85
C PRO B 187 -15.47 29.57 25.36
N ILE B 188 -16.56 29.79 26.10
CA ILE B 188 -16.53 29.93 27.56
C ILE B 188 -15.94 28.75 28.32
N PHE B 189 -16.06 27.55 27.76
CA PHE B 189 -15.57 26.34 28.43
C PHE B 189 -14.05 26.17 28.33
N TRP B 190 -13.40 27.07 27.59
CA TRP B 190 -11.93 27.19 27.56
C TRP B 190 -11.42 28.44 28.29
N TYR B 191 -12.35 29.31 28.68
CA TYR B 191 -12.03 30.62 29.27
C TYR B 191 -11.60 30.53 30.74
N ALA B 192 -10.56 31.29 31.08
CA ALA B 192 -10.17 31.49 32.47
C ALA B 192 -11.24 32.32 33.19
N PRO B 193 -11.29 32.20 34.54
CA PRO B 193 -12.35 32.88 35.27
C PRO B 193 -12.37 34.39 35.11
N GLU B 194 -11.18 34.99 35.04
CA GLU B 194 -11.07 36.45 34.95
C GLU B 194 -11.45 36.93 33.55
N SER B 195 -11.31 36.04 32.57
CA SER B 195 -11.78 36.33 31.21
C SER B 195 -13.32 36.31 31.17
N LEU B 196 -13.93 35.36 31.88
CA LEU B 196 -15.40 35.29 32.01
C LEU B 196 -15.95 36.48 32.79
N THR B 197 -15.32 36.80 33.92
CA THR B 197 -15.83 37.85 34.81
C THR B 197 -15.45 39.27 34.39
N GLU B 198 -14.22 39.48 33.96
CA GLU B 198 -13.69 40.84 33.71
C GLU B 198 -13.26 41.09 32.28
N SER B 199 -13.46 40.10 31.40
CA SER B 199 -13.03 40.16 30.01
C SER B 199 -11.51 40.40 29.85
N LYS B 200 -10.74 39.93 30.82
CA LYS B 200 -9.29 40.15 30.88
C LYS B 200 -8.54 38.95 30.32
N PHE B 201 -7.75 39.19 29.27
CA PHE B 201 -6.92 38.17 28.64
C PHE B 201 -5.43 38.44 28.82
N SER B 202 -4.64 37.39 28.94
CA SER B 202 -3.20 37.52 29.20
C SER B 202 -2.51 36.23 28.86
N VAL B 203 -1.18 36.22 28.94
CA VAL B 203 -0.43 34.97 28.80
C VAL B 203 -1.03 33.93 29.76
N ALA B 204 -1.28 34.34 30.99
CA ALA B 204 -1.82 33.45 32.02
C ALA B 204 -3.21 32.93 31.67
N SER B 205 -4.03 33.76 31.02
CA SER B 205 -5.32 33.26 30.52
C SER B 205 -5.07 32.22 29.39
N ASP B 206 -4.04 32.43 28.57
CA ASP B 206 -3.64 31.41 27.60
C ASP B 206 -3.14 30.13 28.27
N VAL B 207 -2.41 30.26 29.38
CA VAL B 207 -2.00 29.10 30.19
C VAL B 207 -3.24 28.35 30.72
N TRP B 208 -4.20 29.07 31.28
CA TRP B 208 -5.46 28.43 31.67
C TRP B 208 -6.06 27.62 30.52
N SER B 209 -6.15 28.24 29.34
CA SER B 209 -6.78 27.60 28.17
C SER B 209 -5.96 26.42 27.66
N PHE B 210 -4.64 26.57 27.71
CA PHE B 210 -3.72 25.47 27.48
C PHE B 210 -4.02 24.28 28.37
N GLY B 211 -4.26 24.54 29.65
CA GLY B 211 -4.71 23.49 30.58
C GLY B 211 -5.88 22.68 30.03
N VAL B 212 -6.87 23.39 29.47
CA VAL B 212 -8.01 22.78 28.81
C VAL B 212 -7.55 22.00 27.57
N VAL B 213 -6.60 22.54 26.80
CA VAL B 213 -6.08 21.82 25.64
C VAL B 213 -5.41 20.48 26.08
N LEU B 214 -4.61 20.54 27.13
CA LEU B 214 -4.03 19.34 27.72
C LEU B 214 -5.11 18.30 28.10
N TYR B 215 -6.15 18.75 28.82
CA TYR B 215 -7.32 17.92 29.14
C TYR B 215 -7.88 17.29 27.88
N GLU B 216 -8.13 18.14 26.88
CA GLU B 216 -8.62 17.69 25.59
C GLU B 216 -7.82 16.52 25.02
N LEU B 217 -6.51 16.69 24.98
CA LEU B 217 -5.63 15.66 24.44
C LEU B 217 -5.76 14.32 25.17
N PHE B 218 -5.86 14.37 26.50
CA PHE B 218 -5.90 13.17 27.31
C PHE B 218 -7.29 12.53 27.39
N THR B 219 -8.31 13.22 26.85
CA THR B 219 -9.65 12.63 26.67
C THR B 219 -9.74 11.93 25.32
N TYR B 220 -8.71 12.15 24.49
CA TYR B 220 -8.67 11.64 23.12
C TYR B 220 -9.85 12.12 22.28
N ILE B 221 -10.43 13.26 22.68
CA ILE B 221 -11.63 13.84 22.07
C ILE B 221 -12.85 12.89 22.08
N GLU B 222 -12.97 12.10 23.15
CA GLU B 222 -14.14 11.22 23.37
C GLU B 222 -15.37 12.09 23.61
N LYS B 223 -16.44 11.82 22.86
CA LYS B 223 -17.60 12.73 22.72
C LYS B 223 -18.09 13.32 24.04
N SER B 224 -18.42 12.43 24.97
CA SER B 224 -19.03 12.79 26.24
C SER B 224 -18.07 13.42 27.25
N LYS B 225 -16.78 13.46 26.91
CA LYS B 225 -15.73 13.98 27.79
C LYS B 225 -15.24 15.38 27.38
N SER B 226 -15.85 15.98 26.36
CA SER B 226 -15.48 17.34 25.97
C SER B 226 -15.75 18.32 27.09
N PRO B 227 -15.00 19.45 27.13
CA PRO B 227 -15.27 20.49 28.13
C PRO B 227 -16.73 20.99 28.25
N PRO B 228 -17.38 21.35 27.11
CA PRO B 228 -18.81 21.67 27.16
C PRO B 228 -19.69 20.58 27.77
N ALA B 229 -19.49 19.32 27.36
CA ALA B 229 -20.25 18.19 27.90
C ALA B 229 -20.07 18.00 29.42
N GLU B 230 -18.82 18.05 29.87
CA GLU B 230 -18.51 17.84 31.29
C GLU B 230 -18.96 19.02 32.14
N PHE B 231 -18.63 20.24 31.71
CA PHE B 231 -19.15 21.41 32.40
C PHE B 231 -20.69 21.43 32.39
N MET B 232 -21.32 21.13 31.26
CA MET B 232 -22.79 21.17 31.24
C MET B 232 -23.41 20.15 32.20
N ARG B 233 -22.79 18.99 32.28
CA ARG B 233 -23.20 17.92 33.20
C ARG B 233 -23.14 18.39 34.65
N MET B 234 -22.07 19.09 35.00
CA MET B 234 -21.87 19.62 36.35
C MET B 234 -22.82 20.78 36.70
N ILE B 235 -23.08 21.62 35.72
CA ILE B 235 -23.97 22.79 35.84
C ILE B 235 -25.45 22.37 35.81
N GLY B 236 -25.76 21.40 34.95
CA GLY B 236 -27.12 20.94 34.73
C GLY B 236 -27.45 21.18 33.27
N ASN B 237 -27.68 20.08 32.54
CA ASN B 237 -27.95 20.12 31.09
C ASN B 237 -29.20 20.90 30.71
N ASP B 238 -30.05 21.15 31.71
CA ASP B 238 -31.27 21.93 31.55
C ASP B 238 -31.03 23.44 31.48
N LYS B 239 -29.83 23.89 31.87
CA LYS B 239 -29.56 25.33 31.91
C LYS B 239 -29.41 25.90 30.51
N GLN B 240 -29.84 27.14 30.36
CA GLN B 240 -29.84 27.80 29.08
C GLN B 240 -29.41 29.25 29.25
N GLY B 241 -28.83 29.80 28.20
CA GLY B 241 -28.44 31.20 28.17
C GLY B 241 -27.45 31.63 29.23
N GLN B 242 -27.73 32.76 29.86
CA GLN B 242 -26.80 33.42 30.77
C GLN B 242 -26.63 32.65 32.09
N MET B 243 -27.65 31.89 32.46
CA MET B 243 -27.60 31.01 33.62
C MET B 243 -26.42 30.02 33.57
N ILE B 244 -26.11 29.54 32.38
CA ILE B 244 -24.99 28.63 32.17
C ILE B 244 -23.71 29.33 32.62
N VAL B 245 -23.56 30.57 32.18
CA VAL B 245 -22.39 31.38 32.51
C VAL B 245 -22.31 31.64 34.02
N PHE B 246 -23.45 31.96 34.63
CA PHE B 246 -23.52 32.24 36.07
C PHE B 246 -23.02 31.05 36.87
N HIS B 247 -23.50 29.86 36.48
CA HIS B 247 -23.12 28.64 37.14
C HIS B 247 -21.67 28.23 36.86
N LEU B 248 -21.18 28.41 35.63
CA LEU B 248 -19.75 28.19 35.33
C LEU B 248 -18.85 29.06 36.23
N ILE B 249 -19.09 30.37 36.26
CA ILE B 249 -18.27 31.27 37.10
C ILE B 249 -18.23 30.80 38.56
N GLU B 250 -19.40 30.56 39.13
CA GLU B 250 -19.53 30.11 40.51
C GLU B 250 -18.85 28.77 40.72
N LEU B 251 -19.11 27.84 39.80
CA LEU B 251 -18.46 26.54 39.77
C LEU B 251 -16.91 26.70 39.80
N LEU B 252 -16.37 27.52 38.90
CA LEU B 252 -14.93 27.72 38.80
C LEU B 252 -14.34 28.43 40.02
N LYS B 253 -15.04 29.45 40.52
CA LYS B 253 -14.58 30.24 41.68
C LYS B 253 -14.29 29.37 42.89
N ASN B 254 -15.02 28.26 43.02
CA ASN B 254 -14.91 27.37 44.18
C ASN B 254 -14.33 25.99 43.83
N ASN B 255 -13.36 25.99 42.90
CA ASN B 255 -12.53 24.81 42.57
C ASN B 255 -13.25 23.69 41.83
N GLY B 256 -14.38 24.02 41.21
CA GLY B 256 -15.01 23.12 40.28
C GLY B 256 -14.17 23.01 39.01
N ARG B 257 -13.83 21.79 38.63
CA ARG B 257 -12.89 21.55 37.53
C ARG B 257 -13.31 20.36 36.71
N LEU B 258 -12.85 20.34 35.46
CA LEU B 258 -12.94 19.19 34.58
C LEU B 258 -12.24 18.05 35.29
N PRO B 259 -12.77 16.82 35.13
CA PRO B 259 -12.24 15.68 35.87
C PRO B 259 -10.97 15.16 35.24
N ARG B 260 -10.24 14.35 35.99
CA ARG B 260 -9.09 13.65 35.45
C ARG B 260 -9.62 12.66 34.40
N PRO B 261 -9.13 12.76 33.15
CA PRO B 261 -9.61 11.81 32.14
C PRO B 261 -9.24 10.37 32.43
N ASP B 262 -10.08 9.47 31.91
CA ASP B 262 -9.86 8.03 31.99
C ASP B 262 -8.43 7.71 31.56
N GLY B 263 -7.67 7.04 32.43
CA GLY B 263 -6.29 6.63 32.12
C GLY B 263 -5.21 7.71 32.15
N CYS B 264 -5.55 8.92 32.58
CA CYS B 264 -4.58 10.02 32.62
C CYS B 264 -3.73 9.92 33.89
N PRO B 265 -2.40 9.97 33.77
CA PRO B 265 -1.58 9.93 34.99
C PRO B 265 -1.81 11.16 35.88
N ASP B 266 -1.68 10.96 37.19
CA ASP B 266 -1.91 12.03 38.16
C ASP B 266 -1.00 13.23 37.94
N GLU B 267 0.28 13.00 37.65
CA GLU B 267 1.21 14.13 37.48
C GLU B 267 0.87 14.99 36.27
N ILE B 268 0.25 14.40 35.26
CA ILE B 268 -0.28 15.14 34.12
C ILE B 268 -1.53 15.94 34.50
N TYR B 269 -2.43 15.34 35.28
CA TYR B 269 -3.62 16.06 35.75
C TYR B 269 -3.23 17.21 36.69
N MET B 270 -2.15 17.03 37.42
CA MET B 270 -1.57 18.07 38.26
C MET B 270 -1.16 19.27 37.41
N ILE B 271 -0.59 19.02 36.23
CA ILE B 271 -0.23 20.10 35.30
C ILE B 271 -1.47 20.87 34.86
N MET B 272 -2.51 20.14 34.46
CA MET B 272 -3.81 20.74 34.18
C MET B 272 -4.32 21.59 35.32
N THR B 273 -4.36 21.02 36.53
CA THR B 273 -4.90 21.72 37.71
C THR B 273 -4.07 22.95 38.14
N GLU B 274 -2.77 22.91 37.91
CA GLU B 274 -1.88 24.06 38.16
C GLU B 274 -2.09 25.18 37.13
N CYS B 275 -2.44 24.79 35.92
CA CYS B 275 -2.83 25.76 34.88
C CYS B 275 -4.16 26.41 35.24
N TRP B 276 -5.07 25.60 35.79
CA TRP B 276 -6.39 26.08 36.22
C TRP B 276 -6.36 26.73 37.61
N ASN B 277 -5.51 27.72 37.78
CA ASN B 277 -5.45 28.42 39.04
C ASN B 277 -6.22 29.72 38.96
N ASN B 278 -7.18 29.92 39.86
CA ASN B 278 -7.91 31.18 39.91
C ASN B 278 -6.97 32.37 40.12
N ASN B 279 -5.91 32.12 40.90
CA ASN B 279 -4.81 33.09 41.07
C ASN B 279 -3.98 33.14 39.79
N VAL B 280 -4.15 34.22 39.05
CA VAL B 280 -3.54 34.43 37.74
C VAL B 280 -2.01 34.37 37.79
N ASN B 281 -1.44 35.03 38.79
CA ASN B 281 0.00 35.17 38.90
C ASN B 281 0.68 33.96 39.49
N GLN B 282 -0.09 32.97 39.91
CA GLN B 282 0.46 31.68 40.37
C GLN B 282 0.41 30.57 39.32
N ARG B 283 -0.21 30.82 38.17
CA ARG B 283 -0.19 29.86 37.09
C ARG B 283 1.24 29.76 36.55
N PRO B 284 1.63 28.55 36.09
CA PRO B 284 2.98 28.37 35.59
C PRO B 284 3.18 29.11 34.26
N SER B 285 4.44 29.31 33.88
CA SER B 285 4.77 29.94 32.62
C SER B 285 4.87 28.88 31.52
N PHE B 286 4.69 29.28 30.29
CA PHE B 286 4.84 28.35 29.16
C PHE B 286 6.24 27.73 29.11
N ARG B 287 7.26 28.49 29.51
CA ARG B 287 8.62 27.97 29.63
C ARG B 287 8.73 26.87 30.69
N ASP B 288 8.07 27.09 31.83
CA ASP B 288 8.03 26.10 32.92
C ASP B 288 7.38 24.83 32.40
N LEU B 289 6.25 24.99 31.72
CA LEU B 289 5.48 23.86 31.18
C LEU B 289 6.24 23.03 30.16
N ALA B 290 6.88 23.71 29.19
CA ALA B 290 7.63 23.05 28.13
C ALA B 290 8.71 22.15 28.72
N LEU B 291 9.53 22.71 29.61
CA LEU B 291 10.58 21.94 30.29
C LEU B 291 10.02 20.78 31.12
N ARG B 292 9.04 21.07 31.98
CA ARG B 292 8.36 20.02 32.77
C ARG B 292 7.92 18.85 31.91
N VAL B 293 7.17 19.17 30.85
CA VAL B 293 6.57 18.15 30.01
C VAL B 293 7.64 17.33 29.32
N ASP B 294 8.64 18.01 28.77
CA ASP B 294 9.72 17.32 28.07
C ASP B 294 10.60 16.50 29.02
N GLN B 295 10.72 16.96 30.26
CA GLN B 295 11.42 16.13 31.26
C GLN B 295 10.64 14.86 31.61
N ILE B 296 9.33 14.97 31.71
CA ILE B 296 8.47 13.79 31.90
C ILE B 296 8.57 12.78 30.76
N ARG B 297 8.54 13.25 29.51
CA ARG B 297 8.68 12.37 28.34
C ARG B 297 10.02 11.65 28.37
N ASP B 298 11.07 12.41 28.64
CA ASP B 298 12.45 11.90 28.65
C ASP B 298 12.66 10.94 29.83
N ASN B 299 12.09 11.29 30.98
CA ASN B 299 12.18 10.42 32.17
C ASN B 299 11.21 9.25 32.18
N MET B 300 10.28 9.21 31.23
CA MET B 300 9.35 8.09 31.15
C MET B 300 10.08 6.82 30.71
N ALA B 301 9.68 5.70 31.32
CA ALA B 301 10.28 4.38 31.09
C ALA B 301 10.32 4.03 29.61
N GLY B 302 11.32 3.24 29.22
CA GLY B 302 11.48 2.80 27.83
C GLY B 302 10.41 1.78 27.40
N ALA C 5 50.24 -21.93 18.53
CA ALA C 5 49.51 -21.10 17.55
C ALA C 5 48.07 -21.04 17.84
N PHE C 6 47.38 -20.29 17.01
CA PHE C 6 45.97 -20.15 17.18
C PHE C 6 45.33 -19.69 15.89
N GLU C 7 44.37 -20.48 15.43
CA GLU C 7 43.58 -20.11 14.28
C GLU C 7 42.10 -20.23 14.62
N ASP C 8 41.41 -19.09 14.63
CA ASP C 8 39.99 -19.06 14.93
C ASP C 8 39.23 -19.26 13.61
N ARG C 9 39.06 -20.52 13.25
CA ARG C 9 38.34 -20.94 12.03
C ARG C 9 36.89 -21.31 12.30
N ASP C 10 36.36 -20.94 13.46
CA ASP C 10 34.95 -21.22 13.78
C ASP C 10 34.40 -20.18 14.76
N PRO C 11 33.92 -19.04 14.22
CA PRO C 11 33.28 -18.00 15.05
C PRO C 11 31.89 -18.37 15.60
N THR C 12 31.44 -19.59 15.36
CA THR C 12 30.21 -20.09 15.98
C THR C 12 30.51 -20.92 17.24
N GLN C 13 31.79 -21.07 17.58
CA GLN C 13 32.19 -21.70 18.83
C GLN C 13 32.61 -20.62 19.83
N PHE C 14 31.87 -20.53 20.92
CA PHE C 14 32.13 -19.53 21.95
C PHE C 14 32.88 -20.19 23.09
N GLU C 15 33.86 -19.48 23.63
CA GLU C 15 34.63 -19.96 24.78
C GLU C 15 33.93 -19.59 26.08
N GLU C 16 33.71 -20.56 26.96
CA GLU C 16 32.90 -20.32 28.18
C GLU C 16 33.50 -19.26 29.13
N ARG C 17 34.82 -19.18 29.18
CA ARG C 17 35.49 -18.25 30.10
C ARG C 17 35.33 -16.79 29.69
N HIS C 18 35.05 -16.57 28.41
CA HIS C 18 34.82 -15.22 27.87
C HIS C 18 33.36 -14.82 27.74
N LEU C 19 32.45 -15.74 28.11
CA LEU C 19 31.01 -15.48 28.16
C LEU C 19 30.60 -14.98 29.55
N LYS C 20 30.45 -13.66 29.71
CA LYS C 20 30.16 -13.03 31.01
C LYS C 20 28.67 -12.75 31.24
N PHE C 21 28.10 -13.25 32.33
CA PHE C 21 26.70 -13.01 32.68
C PHE C 21 26.38 -11.52 32.89
N LEU C 22 25.20 -11.10 32.43
CA LEU C 22 24.74 -9.73 32.59
C LEU C 22 23.34 -9.66 33.20
N GLN C 23 22.42 -10.47 32.70
CA GLN C 23 21.01 -10.39 33.15
C GLN C 23 20.21 -11.64 32.76
N GLN C 24 19.32 -12.06 33.66
CA GLN C 24 18.36 -13.15 33.38
C GLN C 24 17.24 -12.63 32.49
N LEU C 25 16.95 -13.34 31.40
CA LEU C 25 15.99 -12.83 30.41
C LEU C 25 14.62 -13.47 30.54
N GLY C 26 14.58 -14.78 30.72
CA GLY C 26 13.31 -15.47 30.77
C GLY C 26 13.37 -16.97 30.68
N LYS C 27 12.23 -17.58 30.97
CA LYS C 27 11.99 -18.99 30.71
C LYS C 27 11.65 -19.26 29.24
N GLY C 28 12.22 -20.33 28.70
CA GLY C 28 11.82 -20.88 27.41
C GLY C 28 11.62 -22.38 27.53
N ASN C 29 11.20 -23.02 26.45
CA ASN C 29 10.98 -24.49 26.45
C ASN C 29 12.18 -25.27 27.01
N PHE C 30 11.93 -26.05 28.06
CA PHE C 30 12.93 -26.95 28.69
C PHE C 30 14.05 -26.25 29.47
N GLY C 31 14.09 -24.93 29.47
CA GLY C 31 15.26 -24.25 29.97
C GLY C 31 15.10 -22.77 30.20
N SER C 32 16.22 -22.08 30.06
CA SER C 32 16.36 -20.72 30.58
C SER C 32 17.28 -19.92 29.67
N VAL C 33 16.99 -18.63 29.50
CA VAL C 33 17.75 -17.75 28.63
C VAL C 33 18.31 -16.55 29.42
N GLU C 34 19.59 -16.27 29.22
CA GLU C 34 20.31 -15.22 29.93
C GLU C 34 21.01 -14.28 28.96
N MET C 35 21.13 -13.02 29.35
CA MET C 35 21.86 -12.01 28.59
C MET C 35 23.33 -12.06 29.04
N CYS C 36 24.25 -12.09 28.10
CA CYS C 36 25.68 -12.16 28.40
C CYS C 36 26.48 -11.23 27.50
N ARG C 37 27.68 -10.88 27.95
CA ARG C 37 28.66 -10.22 27.10
C ARG C 37 29.71 -11.23 26.68
N TYR C 38 30.04 -11.30 25.40
CA TYR C 38 31.14 -12.14 24.94
C TYR C 38 32.38 -11.29 24.81
N ASP C 39 33.33 -11.49 25.73
CA ASP C 39 34.45 -10.57 25.91
C ASP C 39 35.79 -11.31 26.09
N PRO C 40 36.38 -11.76 24.97
CA PRO C 40 37.66 -12.47 25.03
C PRO C 40 38.85 -11.55 25.34
N LEU C 41 38.76 -10.30 24.89
CA LEU C 41 39.77 -9.29 25.20
C LEU C 41 39.74 -8.87 26.68
N GLN C 42 38.69 -9.26 27.40
CA GLN C 42 38.54 -9.01 28.85
C GLN C 42 38.57 -7.52 29.23
N ASP C 43 38.30 -6.66 28.25
CA ASP C 43 38.43 -5.21 28.43
C ASP C 43 37.10 -4.47 28.61
N ASN C 44 36.00 -5.23 28.59
CA ASN C 44 34.62 -4.70 28.75
C ASN C 44 33.90 -4.36 27.43
N THR C 45 34.66 -4.18 26.34
CA THR C 45 34.06 -3.92 25.01
C THR C 45 33.92 -5.20 24.19
N GLY C 46 32.73 -5.78 24.24
CA GLY C 46 32.39 -7.00 23.50
C GLY C 46 30.92 -7.10 23.16
N GLU C 47 30.59 -8.00 22.24
CA GLU C 47 29.23 -8.22 21.77
C GLU C 47 28.31 -8.76 22.88
N VAL C 48 27.08 -8.28 22.91
CA VAL C 48 26.09 -8.74 23.88
C VAL C 48 25.16 -9.77 23.24
N VAL C 49 24.95 -10.88 23.94
CA VAL C 49 24.28 -12.05 23.38
C VAL C 49 23.26 -12.66 24.36
N ALA C 50 22.31 -13.41 23.80
CA ALA C 50 21.36 -14.18 24.59
C ALA C 50 21.82 -15.65 24.55
N VAL C 51 21.84 -16.30 25.70
CA VAL C 51 22.41 -17.66 25.84
C VAL C 51 21.38 -18.58 26.47
N LYS C 52 21.01 -19.64 25.75
CA LYS C 52 20.04 -20.60 26.28
C LYS C 52 20.79 -21.78 26.86
N LYS C 53 20.31 -22.22 28.02
CA LYS C 53 20.83 -23.40 28.68
C LYS C 53 19.66 -24.24 29.17
N LEU C 54 19.94 -25.52 29.38
CA LEU C 54 18.93 -26.43 29.92
C LEU C 54 18.74 -26.24 31.42
N GLN C 55 17.51 -26.46 31.86
CA GLN C 55 17.18 -26.53 33.28
C GLN C 55 16.63 -27.93 33.51
N HIS C 56 17.02 -28.55 34.62
CA HIS C 56 16.66 -29.95 34.91
C HIS C 56 16.95 -30.81 33.68
N SER C 57 18.23 -30.85 33.31
CA SER C 57 18.70 -31.52 32.10
C SER C 57 18.62 -33.05 32.17
N THR C 58 18.66 -33.67 31.00
CA THR C 58 18.72 -35.13 30.87
C THR C 58 19.44 -35.49 29.57
N GLU C 59 19.46 -36.77 29.23
CA GLU C 59 20.05 -37.23 27.98
C GLU C 59 19.18 -36.80 26.80
N GLU C 60 17.92 -37.21 26.86
CA GLU C 60 16.93 -36.95 25.81
C GLU C 60 16.76 -35.46 25.55
N HIS C 61 16.75 -34.66 26.62
CA HIS C 61 16.63 -33.20 26.53
C HIS C 61 17.77 -32.59 25.73
N LEU C 62 19.00 -32.88 26.16
CA LEU C 62 20.21 -32.46 25.44
C LEU C 62 20.12 -32.81 23.93
N ARG C 63 19.65 -34.02 23.62
CA ARG C 63 19.52 -34.45 22.23
C ARG C 63 18.50 -33.64 21.44
N ASP C 64 17.34 -33.39 22.04
CA ASP C 64 16.36 -32.44 21.46
C ASP C 64 16.95 -31.04 21.34
N PHE C 65 17.68 -30.61 22.38
CA PHE C 65 18.34 -29.30 22.37
C PHE C 65 19.28 -29.17 21.16
N GLU C 66 20.09 -30.21 20.98
CA GLU C 66 21.01 -30.33 19.84
C GLU C 66 20.29 -30.19 18.48
N ARG C 67 19.13 -30.83 18.36
CA ARG C 67 18.27 -30.67 17.19
C ARG C 67 17.75 -29.24 17.07
N GLU C 68 17.30 -28.67 18.17
CA GLU C 68 16.83 -27.30 18.18
C GLU C 68 17.92 -26.35 17.62
N ILE C 69 19.15 -26.57 18.10
CA ILE C 69 20.32 -25.78 17.66
C ILE C 69 20.58 -25.93 16.17
N GLU C 70 20.45 -27.15 15.64
CA GLU C 70 20.64 -27.37 14.21
C GLU C 70 19.53 -26.72 13.42
N ILE C 71 18.32 -26.77 13.95
CA ILE C 71 17.20 -26.10 13.32
C ILE C 71 17.47 -24.59 13.27
N LEU C 72 17.74 -23.97 14.42
CA LEU C 72 17.92 -22.52 14.46
C LEU C 72 19.04 -22.07 13.50
N LYS C 73 20.11 -22.85 13.49
CA LYS C 73 21.29 -22.61 12.64
C LYS C 73 20.99 -22.70 11.14
N SER C 74 20.07 -23.59 10.76
CA SER C 74 19.66 -23.77 9.35
C SER C 74 18.82 -22.62 8.78
N LEU C 75 18.38 -21.72 9.64
CA LEU C 75 17.44 -20.68 9.29
C LEU C 75 18.14 -19.32 9.22
N GLN C 76 17.98 -18.61 8.11
CA GLN C 76 18.46 -17.22 7.96
C GLN C 76 17.37 -16.35 7.33
N HIS C 77 16.70 -15.56 8.15
CA HIS C 77 15.53 -14.80 7.72
C HIS C 77 15.28 -13.62 8.64
N ASP C 78 14.84 -12.51 8.06
CA ASP C 78 14.64 -11.25 8.80
C ASP C 78 13.66 -11.38 9.99
N ASN C 79 12.76 -12.36 9.91
CA ASN C 79 11.75 -12.59 10.95
C ASN C 79 11.96 -13.92 11.69
N ILE C 80 13.22 -14.28 11.87
CA ILE C 80 13.61 -15.44 12.66
C ILE C 80 14.80 -15.06 13.51
N VAL C 81 14.71 -15.30 14.80
CA VAL C 81 15.78 -14.99 15.76
C VAL C 81 17.11 -15.55 15.24
N LYS C 82 18.16 -14.73 15.30
CA LYS C 82 19.47 -15.15 14.75
C LYS C 82 20.22 -16.11 15.65
N TYR C 83 20.63 -17.24 15.06
CA TYR C 83 21.62 -18.13 15.65
C TYR C 83 22.98 -17.44 15.59
N LYS C 84 23.75 -17.51 16.67
CA LYS C 84 25.14 -17.00 16.66
C LYS C 84 26.20 -18.11 16.80
N GLY C 85 25.95 -19.07 17.66
CA GLY C 85 26.89 -20.17 17.85
C GLY C 85 26.50 -21.09 18.99
N VAL C 86 27.41 -21.99 19.35
CA VAL C 86 27.25 -22.85 20.53
C VAL C 86 28.40 -22.60 21.49
N CYS C 87 28.16 -22.88 22.77
CA CYS C 87 29.20 -22.87 23.79
C CYS C 87 29.21 -24.20 24.50
N TYR C 88 30.36 -24.86 24.50
CA TYR C 88 30.50 -26.15 25.13
C TYR C 88 31.08 -25.88 26.52
N SER C 89 30.20 -25.60 27.46
CA SER C 89 30.59 -25.29 28.83
C SER C 89 30.97 -26.55 29.64
N ALA C 90 31.42 -26.33 30.88
CA ALA C 90 31.84 -27.39 31.80
C ALA C 90 32.96 -28.26 31.21
N GLY C 91 33.97 -27.61 30.65
CA GLY C 91 35.08 -28.33 30.01
C GLY C 91 34.60 -29.17 28.84
N ARG C 92 33.64 -28.61 28.11
CA ARG C 92 33.02 -29.24 26.93
C ARG C 92 32.28 -30.51 27.28
N ARG C 93 31.58 -30.48 28.41
CA ARG C 93 30.72 -31.57 28.84
C ARG C 93 29.28 -31.06 29.06
N ASN C 94 28.99 -29.89 28.49
CA ASN C 94 27.64 -29.32 28.51
C ASN C 94 27.43 -28.52 27.22
N LEU C 95 26.16 -28.21 26.91
CA LEU C 95 25.74 -27.53 25.69
C LEU C 95 24.92 -26.28 26.02
N LYS C 96 25.25 -25.18 25.35
CA LYS C 96 24.51 -23.91 25.47
C LYS C 96 24.44 -23.19 24.13
N LEU C 97 23.24 -22.72 23.77
CA LEU C 97 22.96 -22.08 22.49
C LEU C 97 23.14 -20.58 22.58
N ILE C 98 24.00 -20.01 21.74
CA ILE C 98 24.17 -18.54 21.64
C ILE C 98 23.28 -17.97 20.52
N MET C 99 22.54 -16.91 20.84
CA MET C 99 21.63 -16.23 19.92
C MET C 99 21.76 -14.72 20.05
N GLU C 100 21.12 -13.99 19.13
CA GLU C 100 21.10 -12.54 19.23
C GLU C 100 20.29 -12.09 20.45
N TYR C 101 20.74 -11.00 21.06
CA TYR C 101 20.00 -10.39 22.16
C TYR C 101 18.99 -9.45 21.50
N LEU C 102 17.73 -9.60 21.91
CA LEU C 102 16.65 -8.70 21.49
C LEU C 102 16.06 -8.01 22.71
N PRO C 103 16.54 -6.78 23.04
CA PRO C 103 16.19 -6.14 24.29
C PRO C 103 14.70 -5.91 24.54
N TYR C 104 13.91 -5.72 23.48
CA TYR C 104 12.47 -5.50 23.67
C TYR C 104 11.67 -6.77 24.00
N GLY C 105 12.33 -7.93 24.00
CA GLY C 105 11.78 -9.16 24.58
C GLY C 105 10.60 -9.73 23.83
N SER C 106 9.74 -10.47 24.52
CA SER C 106 8.62 -11.12 23.84
C SER C 106 7.52 -10.14 23.37
N LEU C 107 6.96 -10.43 22.21
CA LEU C 107 5.83 -9.67 21.67
C LEU C 107 4.68 -9.60 22.68
N ARG C 108 4.51 -10.66 23.47
CA ARG C 108 3.47 -10.72 24.49
C ARG C 108 3.63 -9.61 25.53
N ASP C 109 4.82 -9.50 26.11
CA ASP C 109 5.11 -8.46 27.10
C ASP C 109 5.06 -7.07 26.44
N TYR C 110 5.75 -6.94 25.32
CA TYR C 110 5.82 -5.71 24.55
C TYR C 110 4.44 -5.17 24.15
N LEU C 111 3.53 -6.06 23.79
CA LEU C 111 2.20 -5.66 23.39
C LEU C 111 1.44 -5.09 24.61
N GLN C 112 1.59 -5.73 25.77
CA GLN C 112 1.07 -5.22 27.03
C GLN C 112 1.65 -3.84 27.39
N LYS C 113 2.96 -3.68 27.26
CA LYS C 113 3.62 -2.38 27.60
C LYS C 113 3.23 -1.24 26.67
N HIS C 114 3.02 -1.55 25.40
CA HIS C 114 2.92 -0.53 24.37
C HIS C 114 1.65 -0.55 23.53
N LYS C 115 0.61 -1.19 24.05
CA LYS C 115 -0.68 -1.26 23.35
C LYS C 115 -1.27 0.12 23.01
N GLU C 116 -0.97 1.14 23.82
CA GLU C 116 -1.54 2.48 23.62
C GLU C 116 -0.97 3.16 22.37
N ARG C 117 0.06 2.53 21.82
CA ARG C 117 0.87 3.01 20.72
C ARG C 117 0.71 2.13 19.48
N ILE C 118 0.10 0.97 19.68
CA ILE C 118 -0.02 -0.06 18.64
C ILE C 118 -1.46 -0.11 18.15
N ASP C 119 -1.66 0.37 16.94
CA ASP C 119 -2.96 0.35 16.28
C ASP C 119 -3.09 -0.87 15.36
N HIS C 120 -4.22 -0.98 14.67
CA HIS C 120 -4.50 -2.13 13.82
C HIS C 120 -3.48 -2.34 12.70
N ILE C 121 -3.10 -1.26 12.04
CA ILE C 121 -2.13 -1.37 10.96
C ILE C 121 -0.79 -1.96 11.47
N LYS C 122 -0.38 -1.57 12.67
CA LYS C 122 0.87 -2.03 13.29
C LYS C 122 0.77 -3.50 13.76
N LEU C 123 -0.41 -3.90 14.24
CA LEU C 123 -0.66 -5.30 14.55
C LEU C 123 -0.53 -6.17 13.29
N LEU C 124 -0.99 -5.62 12.17
CA LEU C 124 -1.05 -6.36 10.91
C LEU C 124 0.35 -6.45 10.32
N GLN C 125 1.19 -5.48 10.65
CA GLN C 125 2.60 -5.51 10.27
C GLN C 125 3.31 -6.65 10.95
N TYR C 126 3.09 -6.77 12.26
CA TYR C 126 3.66 -7.86 13.04
C TYR C 126 3.13 -9.21 12.54
N THR C 127 1.82 -9.27 12.34
CA THR C 127 1.15 -10.47 11.82
C THR C 127 1.78 -10.95 10.53
N SER C 128 2.03 -10.00 9.65
CA SER C 128 2.55 -10.20 8.29
C SER C 128 3.95 -10.78 8.38
N GLN C 129 4.76 -10.20 9.26
CA GLN C 129 6.11 -10.70 9.55
C GLN C 129 6.15 -12.15 10.08
N ILE C 130 5.23 -12.46 10.99
CA ILE C 130 5.12 -13.83 11.50
C ILE C 130 4.78 -14.80 10.36
N CYS C 131 3.90 -14.38 9.45
CA CYS C 131 3.56 -15.20 8.28
C CYS C 131 4.77 -15.50 7.38
N LYS C 132 5.58 -14.49 7.15
CA LYS C 132 6.75 -14.59 6.28
C LYS C 132 7.81 -15.52 6.88
N GLY C 133 8.03 -15.41 8.18
CA GLY C 133 8.88 -16.34 8.90
C GLY C 133 8.35 -17.75 8.73
N MET C 134 7.02 -17.89 8.80
CA MET C 134 6.38 -19.19 8.66
C MET C 134 6.43 -19.72 7.24
N GLU C 135 6.25 -18.84 6.26
CA GLU C 135 6.55 -19.21 4.86
C GLU C 135 7.97 -19.78 4.76
N TYR C 136 8.94 -19.10 5.39
CA TYR C 136 10.33 -19.56 5.36
C TYR C 136 10.55 -20.93 6.00
N LEU C 137 9.85 -21.21 7.11
CA LEU C 137 9.94 -22.52 7.78
C LEU C 137 9.41 -23.63 6.90
N GLY C 138 8.31 -23.36 6.22
CA GLY C 138 7.73 -24.30 5.26
C GLY C 138 8.67 -24.77 4.17
N THR C 139 9.55 -23.88 3.69
CA THR C 139 10.45 -24.22 2.59
C THR C 139 11.53 -25.20 3.01
N LYS C 140 11.78 -25.24 4.31
CA LYS C 140 12.68 -26.22 4.94
C LYS C 140 11.88 -27.36 5.58
N ARG C 141 10.56 -27.40 5.31
CA ARG C 141 9.64 -28.43 5.81
C ARG C 141 9.63 -28.53 7.35
N TYR C 142 9.77 -27.38 8.00
CA TYR C 142 9.72 -27.31 9.46
C TYR C 142 8.31 -26.98 9.95
N ILE C 143 7.90 -27.70 10.99
CA ILE C 143 6.62 -27.47 11.69
C ILE C 143 6.97 -26.91 13.05
N HIS C 144 6.54 -25.69 13.33
CA HIS C 144 7.01 -24.99 14.53
C HIS C 144 6.44 -25.62 15.80
N ARG C 145 5.13 -25.83 15.79
CA ARG C 145 4.37 -26.57 16.81
C ARG C 145 4.02 -25.79 18.09
N ASP C 146 4.50 -24.56 18.20
CA ASP C 146 4.34 -23.77 19.42
C ASP C 146 4.24 -22.26 19.18
N LEU C 147 3.64 -21.87 18.06
CA LEU C 147 3.40 -20.48 17.74
C LEU C 147 2.52 -19.86 18.79
N ALA C 148 2.99 -18.75 19.36
CA ALA C 148 2.26 -18.01 20.41
C ALA C 148 3.03 -16.73 20.64
N THR C 149 2.38 -15.66 21.12
CA THR C 149 3.04 -14.33 21.25
C THR C 149 4.23 -14.33 22.23
N ARG C 150 4.20 -15.24 23.20
CA ARG C 150 5.30 -15.42 24.13
C ARG C 150 6.56 -15.97 23.44
N ASN C 151 6.36 -16.56 22.27
CA ASN C 151 7.44 -17.19 21.50
C ASN C 151 7.87 -16.40 20.28
N ILE C 152 7.34 -15.19 20.18
CA ILE C 152 7.73 -14.20 19.18
C ILE C 152 8.52 -13.11 19.90
N LEU C 153 9.56 -12.62 19.23
CA LEU C 153 10.46 -11.62 19.78
C LEU C 153 10.27 -10.30 19.05
N VAL C 154 10.57 -9.20 19.74
CA VAL C 154 10.57 -7.89 19.08
C VAL C 154 12.01 -7.39 18.88
N GLU C 155 12.34 -7.00 17.65
CA GLU C 155 13.64 -6.38 17.42
C GLU C 155 13.53 -4.88 17.64
N ASN C 156 12.56 -4.28 16.95
CA ASN C 156 12.24 -2.86 17.11
C ASN C 156 10.72 -2.63 16.90
N GLU C 157 10.29 -1.38 17.00
CA GLU C 157 8.90 -0.97 16.74
C GLU C 157 8.33 -1.54 15.45
N ASN C 158 9.19 -1.71 14.46
CA ASN C 158 8.77 -2.12 13.12
C ASN C 158 9.02 -3.59 12.79
N ARG C 159 9.64 -4.34 13.69
CA ARG C 159 9.96 -5.73 13.37
C ARG C 159 9.93 -6.70 14.54
N VAL C 160 9.32 -7.85 14.26
CA VAL C 160 9.27 -8.97 15.19
C VAL C 160 9.90 -10.22 14.54
N LYS C 161 10.32 -11.16 15.37
CA LYS C 161 10.98 -12.37 14.90
C LYS C 161 10.43 -13.59 15.60
N ILE C 162 10.29 -14.68 14.85
CA ILE C 162 9.85 -15.94 15.41
C ILE C 162 10.99 -16.54 16.23
N GLY C 163 10.66 -16.94 17.45
CA GLY C 163 11.59 -17.65 18.32
C GLY C 163 11.16 -19.06 18.71
N ASP C 164 11.81 -19.55 19.76
CA ASP C 164 11.58 -20.87 20.36
C ASP C 164 11.22 -22.02 19.44
N PHE C 165 12.26 -22.59 18.86
CA PHE C 165 12.12 -23.72 17.95
C PHE C 165 12.33 -25.05 18.65
N GLY C 166 12.23 -25.02 19.97
CA GLY C 166 12.44 -26.18 20.80
C GLY C 166 11.41 -27.27 20.70
N LEU C 167 10.26 -27.00 20.09
CA LEU C 167 9.28 -28.05 19.81
C LEU C 167 9.17 -28.32 18.32
N THR C 168 10.05 -27.72 17.52
CA THR C 168 9.97 -27.80 16.05
C THR C 168 10.35 -29.19 15.53
N LYS C 169 9.66 -29.62 14.47
CA LYS C 169 9.83 -30.93 13.87
C LYS C 169 10.02 -30.78 12.36
N VAL C 170 10.69 -31.77 11.76
CA VAL C 170 10.97 -31.78 10.32
C VAL C 170 10.11 -32.84 9.66
N LEU C 171 9.30 -32.44 8.67
CA LEU C 171 8.46 -33.40 7.96
C LEU C 171 9.35 -34.42 7.27
N PRO C 172 9.03 -35.72 7.46
CA PRO C 172 9.73 -36.75 6.69
C PRO C 172 9.63 -36.50 5.20
N GLN C 173 10.48 -37.19 4.47
CA GLN C 173 10.59 -37.00 3.03
C GLN C 173 9.25 -37.21 2.31
N ASP C 174 8.48 -38.18 2.76
CA ASP C 174 7.25 -38.60 2.07
C ASP C 174 5.96 -38.29 2.85
N LYS C 175 6.02 -37.36 3.78
CA LYS C 175 4.88 -37.07 4.66
C LYS C 175 4.58 -35.57 4.79
N GLU C 176 3.30 -35.25 4.97
CA GLU C 176 2.84 -33.86 5.10
C GLU C 176 2.34 -33.54 6.53
N PTR C 177 2.36 -34.55 7.39
CA PTR C 177 2.09 -34.37 8.81
C PTR C 177 3.15 -35.12 9.61
O PTR C 177 3.72 -36.09 9.12
CB PTR C 177 0.68 -34.82 9.20
CG PTR C 177 0.47 -36.31 9.09
CD1 PTR C 177 -0.15 -36.87 7.99
CD2 PTR C 177 0.92 -37.17 10.10
CE1 PTR C 177 -0.33 -38.23 7.87
CE2 PTR C 177 0.75 -38.54 9.99
CZ PTR C 177 0.11 -39.07 8.89
OH PTR C 177 -0.01 -40.30 8.82
P PTR C 177 -1.31 -41.06 8.26
O1P PTR C 177 -2.50 -40.54 8.99
O2P PTR C 177 -1.11 -42.58 8.49
O3P PTR C 177 -1.53 -40.81 6.74
N PTR C 178 3.39 -34.66 10.83
CA PTR C 178 4.28 -35.34 11.76
C PTR C 178 3.46 -35.73 13.00
O PTR C 178 2.87 -34.89 13.67
CB PTR C 178 5.47 -34.44 12.08
CG PTR C 178 6.55 -35.11 12.91
CD1 PTR C 178 7.74 -35.52 12.33
CD2 PTR C 178 6.37 -35.33 14.28
CE1 PTR C 178 8.73 -36.14 13.08
CE2 PTR C 178 7.35 -35.94 15.04
CZ PTR C 178 8.53 -36.34 14.44
OH PTR C 178 9.38 -36.89 15.16
P PTR C 178 10.97 -36.92 14.85
O1P PTR C 178 11.41 -35.51 14.39
O2P PTR C 178 11.79 -37.31 16.08
O3P PTR C 178 11.24 -37.91 13.77
N LYS C 179 3.43 -37.03 13.29
CA LYS C 179 2.76 -37.55 14.48
C LYS C 179 3.72 -37.55 15.65
N VAL C 180 3.38 -36.80 16.70
CA VAL C 180 4.21 -36.71 17.90
C VAL C 180 3.33 -36.88 19.15
N LYS C 181 3.44 -38.04 19.79
CA LYS C 181 2.83 -38.28 21.11
C LYS C 181 3.68 -37.69 22.22
N GLU C 182 3.15 -36.66 22.90
CA GLU C 182 3.88 -35.93 23.94
C GLU C 182 3.11 -35.83 25.26
N PRO C 183 3.56 -36.55 26.30
CA PRO C 183 2.85 -36.61 27.57
C PRO C 183 3.31 -35.55 28.57
N GLY C 184 3.12 -34.28 28.23
CA GLY C 184 3.48 -33.18 29.12
C GLY C 184 2.41 -32.10 29.11
N GLU C 185 2.83 -30.89 29.46
CA GLU C 185 1.93 -29.73 29.50
C GLU C 185 1.79 -29.08 28.11
N SER C 186 1.24 -29.81 27.14
CA SER C 186 0.97 -29.27 25.79
C SER C 186 0.14 -27.97 25.83
N PRO C 187 0.43 -27.00 24.93
CA PRO C 187 -0.37 -25.78 24.87
C PRO C 187 -1.69 -25.98 24.14
N ILE C 188 -2.58 -26.72 24.79
CA ILE C 188 -3.82 -27.19 24.16
C ILE C 188 -4.70 -26.09 23.58
N PHE C 189 -4.66 -24.89 24.16
CA PHE C 189 -5.55 -23.81 23.74
C PHE C 189 -5.05 -23.12 22.47
N TRP C 190 -3.88 -23.54 21.99
CA TRP C 190 -3.34 -23.14 20.67
C TRP C 190 -3.37 -24.27 19.64
N TYR C 191 -3.75 -25.46 20.06
CA TYR C 191 -3.69 -26.66 19.22
C TYR C 191 -4.85 -26.80 18.22
N ALA C 192 -4.50 -27.15 16.99
CA ALA C 192 -5.49 -27.59 16.01
C ALA C 192 -6.22 -28.85 16.52
N PRO C 193 -7.50 -29.03 16.13
CA PRO C 193 -8.27 -30.16 16.65
C PRO C 193 -7.62 -31.51 16.39
N GLU C 194 -7.01 -31.66 15.21
CA GLU C 194 -6.38 -32.92 14.83
C GLU C 194 -5.07 -33.15 15.56
N SER C 195 -4.48 -32.09 16.09
CA SER C 195 -3.32 -32.21 16.99
C SER C 195 -3.78 -32.72 18.38
N LEU C 196 -4.90 -32.15 18.84
CA LEU C 196 -5.58 -32.64 20.04
C LEU C 196 -6.00 -34.11 19.92
N THR C 197 -6.73 -34.45 18.87
CA THR C 197 -7.31 -35.78 18.72
C THR C 197 -6.33 -36.85 18.21
N GLU C 198 -5.55 -36.50 17.20
CA GLU C 198 -4.65 -37.49 16.53
C GLU C 198 -3.14 -37.22 16.71
N SER C 199 -2.78 -36.19 17.45
CA SER C 199 -1.36 -35.81 17.65
C SER C 199 -0.63 -35.47 16.34
N LYS C 200 -1.41 -35.08 15.33
CA LYS C 200 -0.92 -34.78 14.00
C LYS C 200 -0.60 -33.28 13.89
N PHE C 201 0.65 -32.99 13.56
CA PHE C 201 1.12 -31.64 13.31
C PHE C 201 1.57 -31.44 11.86
N SER C 202 1.34 -30.25 11.34
CA SER C 202 1.62 -29.92 9.94
C SER C 202 1.69 -28.41 9.74
N VAL C 203 2.00 -27.98 8.52
CA VAL C 203 1.93 -26.56 8.17
C VAL C 203 0.55 -26.03 8.50
N ALA C 204 -0.48 -26.81 8.16
CA ALA C 204 -1.87 -26.47 8.45
C ALA C 204 -2.14 -26.30 9.94
N SER C 205 -1.54 -27.15 10.77
CA SER C 205 -1.72 -27.01 12.21
C SER C 205 -1.01 -25.73 12.69
N ASP C 206 0.14 -25.41 12.09
CA ASP C 206 0.79 -24.12 12.34
C ASP C 206 -0.10 -22.92 11.95
N VAL C 207 -0.82 -23.05 10.82
CA VAL C 207 -1.77 -22.01 10.39
C VAL C 207 -2.90 -21.84 11.43
N TRP C 208 -3.47 -22.95 11.90
CA TRP C 208 -4.43 -22.90 13.00
C TRP C 208 -3.90 -22.12 14.20
N SER C 209 -2.68 -22.46 14.63
CA SER C 209 -2.09 -21.84 15.81
C SER C 209 -1.80 -20.35 15.57
N PHE C 210 -1.39 -20.02 14.34
CA PHE C 210 -1.20 -18.64 13.93
C PHE C 210 -2.50 -17.82 14.09
N GLY C 211 -3.62 -18.39 13.66
CA GLY C 211 -4.93 -17.78 13.91
C GLY C 211 -5.16 -17.41 15.36
N VAL C 212 -4.63 -18.22 16.28
CA VAL C 212 -4.68 -17.92 17.71
C VAL C 212 -3.68 -16.79 18.03
N VAL C 213 -2.49 -16.84 17.43
CA VAL C 213 -1.54 -15.74 17.58
C VAL C 213 -2.21 -14.42 17.17
N LEU C 214 -2.92 -14.45 16.06
CA LEU C 214 -3.59 -13.28 15.52
C LEU C 214 -4.66 -12.80 16.50
N TYR C 215 -5.45 -13.75 17.00
CA TYR C 215 -6.41 -13.47 18.08
C TYR C 215 -5.74 -12.82 19.29
N GLU C 216 -4.61 -13.38 19.71
CA GLU C 216 -3.85 -12.83 20.83
C GLU C 216 -3.50 -11.36 20.64
N LEU C 217 -3.00 -11.03 19.45
CA LEU C 217 -2.58 -9.68 19.11
C LEU C 217 -3.73 -8.68 19.27
N PHE C 218 -4.89 -9.05 18.72
CA PHE C 218 -6.03 -8.14 18.71
C PHE C 218 -6.77 -8.08 20.07
N THR C 219 -6.35 -8.92 21.03
CA THR C 219 -6.81 -8.78 22.42
C THR C 219 -5.89 -7.89 23.23
N TYR C 220 -4.71 -7.59 22.66
CA TYR C 220 -3.66 -6.80 23.31
C TYR C 220 -3.22 -7.43 24.63
N ILE C 221 -3.35 -8.75 24.69
CA ILE C 221 -3.05 -9.56 25.89
C ILE C 221 -3.81 -9.08 27.14
N GLU C 222 -5.08 -8.70 26.97
CA GLU C 222 -5.97 -8.42 28.08
C GLU C 222 -6.24 -9.74 28.80
N LYS C 223 -5.98 -9.78 30.11
CA LYS C 223 -5.88 -11.03 30.90
C LYS C 223 -7.08 -11.97 30.76
N SER C 224 -8.27 -11.39 30.88
CA SER C 224 -9.52 -12.14 30.81
C SER C 224 -9.85 -12.66 29.41
N LYS C 225 -9.13 -12.15 28.42
CA LYS C 225 -9.37 -12.49 27.01
C LYS C 225 -8.35 -13.47 26.43
N SER C 226 -7.48 -14.03 27.27
CA SER C 226 -6.51 -15.03 26.83
C SER C 226 -7.22 -16.26 26.31
N PRO C 227 -6.60 -17.00 25.37
CA PRO C 227 -7.27 -18.22 24.91
C PRO C 227 -7.64 -19.25 26.03
N PRO C 228 -6.74 -19.50 27.01
CA PRO C 228 -7.12 -20.34 28.15
C PRO C 228 -8.29 -19.81 28.98
N ALA C 229 -8.28 -18.52 29.30
CA ALA C 229 -9.40 -17.86 29.99
C ALA C 229 -10.71 -17.94 29.18
N GLU C 230 -10.66 -17.62 27.89
CA GLU C 230 -11.87 -17.69 27.04
C GLU C 230 -12.38 -19.13 26.86
N PHE C 231 -11.48 -20.05 26.56
CA PHE C 231 -11.86 -21.45 26.40
C PHE C 231 -12.38 -22.06 27.71
N MET C 232 -11.72 -21.74 28.82
CA MET C 232 -12.14 -22.29 30.11
C MET C 232 -13.51 -21.77 30.53
N ARG C 233 -13.83 -20.55 30.13
CA ARG C 233 -15.14 -19.95 30.39
C ARG C 233 -16.23 -20.70 29.64
N MET C 234 -15.97 -20.96 28.36
CA MET C 234 -16.89 -21.70 27.49
C MET C 234 -17.05 -23.19 27.89
N ILE C 235 -15.97 -23.79 28.38
CA ILE C 235 -15.95 -25.19 28.82
C ILE C 235 -16.55 -25.32 30.24
N GLY C 236 -16.21 -24.37 31.12
CA GLY C 236 -16.60 -24.39 32.51
C GLY C 236 -15.35 -24.36 33.39
N ASN C 237 -15.18 -23.28 34.16
CA ASN C 237 -14.01 -23.07 35.03
C ASN C 237 -13.81 -24.13 36.11
N ASP C 238 -14.89 -24.83 36.42
CA ASP C 238 -14.86 -25.93 37.38
C ASP C 238 -14.13 -27.15 36.82
N LYS C 239 -14.08 -27.28 35.49
CA LYS C 239 -13.49 -28.47 34.89
C LYS C 239 -12.00 -28.55 35.18
N GLN C 240 -11.52 -29.77 35.32
CA GLN C 240 -10.11 -29.99 35.54
C GLN C 240 -9.68 -31.30 34.93
N GLY C 241 -8.39 -31.40 34.63
CA GLY C 241 -7.83 -32.60 34.07
C GLY C 241 -8.25 -32.86 32.64
N GLN C 242 -8.37 -34.13 32.32
CA GLN C 242 -8.64 -34.61 30.98
C GLN C 242 -10.03 -34.20 30.49
N MET C 243 -10.95 -34.00 31.44
CA MET C 243 -12.25 -33.44 31.14
C MET C 243 -12.18 -32.14 30.33
N ILE C 244 -11.21 -31.29 30.67
CA ILE C 244 -10.97 -30.04 29.95
C ILE C 244 -10.73 -30.32 28.46
N VAL C 245 -9.85 -31.26 28.20
CA VAL C 245 -9.55 -31.70 26.84
C VAL C 245 -10.79 -32.28 26.14
N PHE C 246 -11.56 -33.10 26.83
CA PHE C 246 -12.76 -33.72 26.24
C PHE C 246 -13.73 -32.68 25.72
N HIS C 247 -13.90 -31.62 26.52
CA HIS C 247 -14.81 -30.54 26.22
C HIS C 247 -14.31 -29.59 25.15
N LEU C 248 -13.01 -29.28 25.18
CA LEU C 248 -12.36 -28.48 24.13
C LEU C 248 -12.55 -29.12 22.76
N ILE C 249 -12.19 -30.39 22.66
CA ILE C 249 -12.34 -31.16 21.42
C ILE C 249 -13.77 -31.10 20.89
N GLU C 250 -14.73 -31.44 21.75
CA GLU C 250 -16.13 -31.45 21.37
C GLU C 250 -16.65 -30.06 20.99
N LEU C 251 -16.26 -29.06 21.78
CA LEU C 251 -16.48 -27.63 21.48
C LEU C 251 -15.92 -27.23 20.09
N LEU C 252 -14.66 -27.58 19.83
CA LEU C 252 -14.05 -27.24 18.54
C LEU C 252 -14.68 -27.99 17.36
N LYS C 253 -14.97 -29.28 17.54
CA LYS C 253 -15.56 -30.09 16.47
C LYS C 253 -16.84 -29.47 15.89
N ASN C 254 -17.55 -28.72 16.72
CA ASN C 254 -18.86 -28.14 16.35
C ASN C 254 -18.85 -26.61 16.33
N ASN C 255 -17.73 -26.03 15.88
CA ASN C 255 -17.59 -24.59 15.59
C ASN C 255 -17.54 -23.65 16.79
N GLY C 256 -17.32 -24.20 17.97
CA GLY C 256 -17.01 -23.40 19.12
C GLY C 256 -15.65 -22.77 18.90
N ARG C 257 -15.58 -21.44 19.06
CA ARG C 257 -14.39 -20.66 18.73
C ARG C 257 -14.25 -19.50 19.71
N LEU C 258 -13.02 -18.99 19.82
CA LEU C 258 -12.70 -17.77 20.54
C LEU C 258 -13.49 -16.65 19.91
N PRO C 259 -13.97 -15.70 20.72
CA PRO C 259 -14.82 -14.63 20.20
C PRO C 259 -14.01 -13.55 19.52
N ARG C 260 -14.66 -12.78 18.66
CA ARG C 260 -14.02 -11.60 18.05
C ARG C 260 -13.58 -10.64 19.17
N PRO C 261 -12.28 -10.31 19.25
CA PRO C 261 -11.86 -9.36 20.28
C PRO C 261 -12.51 -7.98 20.16
N ASP C 262 -12.62 -7.31 21.30
CA ASP C 262 -13.17 -5.97 21.39
C ASP C 262 -12.45 -5.06 20.39
N GLY C 263 -13.22 -4.39 19.54
CA GLY C 263 -12.68 -3.47 18.53
C GLY C 263 -11.98 -4.10 17.33
N CYS C 264 -12.09 -5.42 17.16
CA CYS C 264 -11.44 -6.12 16.05
C CYS C 264 -12.35 -5.98 14.83
N PRO C 265 -11.79 -5.58 13.67
CA PRO C 265 -12.62 -5.55 12.48
C PRO C 265 -13.02 -6.95 12.04
N ASP C 266 -14.19 -7.04 11.39
CA ASP C 266 -14.74 -8.32 10.92
C ASP C 266 -13.85 -9.01 9.89
N GLU C 267 -13.26 -8.25 8.96
CA GLU C 267 -12.40 -8.88 7.94
C GLU C 267 -11.18 -9.57 8.57
N ILE C 268 -10.67 -9.01 9.67
CA ILE C 268 -9.56 -9.60 10.44
C ILE C 268 -10.00 -10.83 11.23
N TYR C 269 -11.19 -10.77 11.84
CA TYR C 269 -11.77 -11.94 12.49
C TYR C 269 -12.08 -13.08 11.50
N MET C 270 -12.39 -12.72 10.26
CA MET C 270 -12.64 -13.70 9.21
C MET C 270 -11.36 -14.47 8.89
N ILE C 271 -10.23 -13.79 8.94
CA ILE C 271 -8.92 -14.45 8.74
C ILE C 271 -8.67 -15.47 9.84
N MET C 272 -8.87 -15.05 11.09
CA MET C 272 -8.81 -15.96 12.24
C MET C 272 -9.68 -17.19 12.04
N THR C 273 -10.96 -16.98 11.77
CA THR C 273 -11.92 -18.08 11.59
C THR C 273 -11.60 -18.98 10.37
N GLU C 274 -11.01 -18.41 9.31
CA GLU C 274 -10.57 -19.21 8.15
C GLU C 274 -9.37 -20.08 8.53
N CYS C 275 -8.55 -19.56 9.44
CA CYS C 275 -7.40 -20.31 9.95
C CYS C 275 -7.89 -21.45 10.84
N TRP C 276 -8.96 -21.19 11.59
CA TRP C 276 -9.57 -22.17 12.46
C TRP C 276 -10.57 -23.06 11.72
N ASN C 277 -10.12 -23.72 10.67
CA ASN C 277 -10.97 -24.62 9.92
C ASN C 277 -10.68 -26.06 10.31
N ASN C 278 -11.70 -26.76 10.79
CA ASN C 278 -11.57 -28.19 11.10
C ASN C 278 -11.01 -28.98 9.92
N ASN C 279 -11.44 -28.62 8.71
CA ASN C 279 -10.89 -29.19 7.49
C ASN C 279 -9.48 -28.64 7.24
N VAL C 280 -8.50 -29.52 7.43
CA VAL C 280 -7.09 -29.18 7.36
C VAL C 280 -6.71 -28.57 6.01
N ASN C 281 -7.18 -29.20 4.92
CA ASN C 281 -6.81 -28.79 3.56
C ASN C 281 -7.48 -27.51 3.08
N GLN C 282 -8.57 -27.10 3.73
CA GLN C 282 -9.22 -25.81 3.43
C GLN C 282 -8.63 -24.60 4.15
N ARG C 283 -7.66 -24.85 5.04
CA ARG C 283 -6.99 -23.76 5.74
C ARG C 283 -6.14 -22.99 4.76
N PRO C 284 -6.04 -21.66 4.93
CA PRO C 284 -5.25 -20.85 4.02
C PRO C 284 -3.75 -21.12 4.21
N SER C 285 -2.97 -20.88 3.16
CA SER C 285 -1.53 -21.03 3.26
C SER C 285 -0.93 -19.75 3.88
N PHE C 286 0.30 -19.86 4.38
CA PHE C 286 1.00 -18.73 4.97
C PHE C 286 1.32 -17.64 3.93
N ARG C 287 1.62 -18.05 2.70
CA ARG C 287 1.74 -17.12 1.56
C ARG C 287 0.45 -16.34 1.30
N ASP C 288 -0.68 -17.06 1.24
CA ASP C 288 -2.01 -16.46 1.12
C ASP C 288 -2.23 -15.41 2.19
N LEU C 289 -1.99 -15.81 3.43
CA LEU C 289 -2.14 -14.95 4.60
C LEU C 289 -1.32 -13.68 4.53
N ALA C 290 -0.01 -13.82 4.27
CA ALA C 290 0.94 -12.69 4.20
C ALA C 290 0.53 -11.61 3.20
N LEU C 291 0.18 -12.04 1.99
CA LEU C 291 -0.37 -11.15 0.97
C LEU C 291 -1.72 -10.55 1.36
N ARG C 292 -2.63 -11.38 1.84
CA ARG C 292 -3.92 -10.89 2.32
C ARG C 292 -3.74 -9.75 3.30
N VAL C 293 -2.86 -9.97 4.26
CA VAL C 293 -2.68 -9.07 5.38
C VAL C 293 -2.01 -7.79 4.93
N ASP C 294 -0.96 -7.92 4.13
CA ASP C 294 -0.26 -6.73 3.64
C ASP C 294 -1.12 -5.92 2.66
N GLN C 295 -1.99 -6.57 1.91
CA GLN C 295 -2.94 -5.83 1.08
C GLN C 295 -3.94 -5.03 1.95
N ILE C 296 -4.36 -5.59 3.07
CA ILE C 296 -5.25 -4.89 4.00
C ILE C 296 -4.57 -3.68 4.64
N ARG C 297 -3.33 -3.84 5.11
CA ARG C 297 -2.53 -2.71 5.63
C ARG C 297 -2.38 -1.62 4.60
N ASP C 298 -2.11 -2.05 3.37
CA ASP C 298 -1.85 -1.10 2.27
C ASP C 298 -3.12 -0.38 1.89
N ASN C 299 -4.19 -1.16 1.72
CA ASN C 299 -5.50 -0.61 1.39
C ASN C 299 -6.15 0.17 2.52
N MET C 300 -5.69 -0.01 3.75
CA MET C 300 -6.28 0.71 4.87
C MET C 300 -6.12 2.22 4.69
N ALA C 301 -7.16 2.96 5.11
CA ALA C 301 -7.25 4.40 4.91
C ALA C 301 -6.06 5.12 5.56
N GLY C 302 -5.62 6.20 4.94
CA GLY C 302 -4.48 6.97 5.45
C GLY C 302 -4.83 7.77 6.70
N ALA D 5 32.08 2.59 -61.21
CA ALA D 5 33.03 1.66 -60.53
C ALA D 5 32.49 1.32 -59.18
N PHE D 6 33.24 0.46 -58.50
CA PHE D 6 32.84 0.00 -57.20
C PHE D 6 34.06 -0.13 -56.31
N GLU D 7 33.97 0.43 -55.11
CA GLU D 7 34.96 0.27 -54.07
C GLU D 7 34.23 -0.08 -52.78
N ASP D 8 34.53 -1.27 -52.26
CA ASP D 8 33.92 -1.76 -51.02
C ASP D 8 34.86 -1.56 -49.83
N ARG D 9 34.61 -0.49 -49.09
CA ARG D 9 35.38 -0.16 -47.89
C ARG D 9 34.57 -0.45 -46.62
N ASP D 10 33.48 -1.21 -46.76
CA ASP D 10 32.65 -1.57 -45.60
C ASP D 10 31.94 -2.93 -45.76
N PRO D 11 32.64 -4.04 -45.46
CA PRO D 11 32.01 -5.37 -45.54
C PRO D 11 30.90 -5.65 -44.50
N THR D 12 30.63 -4.71 -43.58
CA THR D 12 29.51 -4.83 -42.63
C THR D 12 28.21 -4.27 -43.22
N GLN D 13 28.27 -3.62 -44.38
CA GLN D 13 27.06 -3.20 -45.09
C GLN D 13 26.65 -4.24 -46.15
N PHE D 14 25.50 -4.84 -45.92
CA PHE D 14 24.99 -5.91 -46.76
C PHE D 14 23.95 -5.34 -47.74
N GLU D 15 24.09 -5.72 -49.00
CA GLU D 15 23.21 -5.24 -50.08
C GLU D 15 21.85 -5.97 -50.13
N GLU D 16 20.78 -5.22 -49.93
CA GLU D 16 19.39 -5.70 -49.95
C GLU D 16 19.07 -6.68 -51.08
N ARG D 17 19.47 -6.34 -52.30
CA ARG D 17 19.13 -7.12 -53.49
C ARG D 17 19.87 -8.44 -53.57
N HIS D 18 20.90 -8.61 -52.76
CA HIS D 18 21.61 -9.87 -52.69
C HIS D 18 21.26 -10.71 -51.48
N LEU D 19 20.38 -10.18 -50.62
CA LEU D 19 19.94 -10.87 -49.41
C LEU D 19 18.60 -11.57 -49.66
N LYS D 20 18.67 -12.88 -49.88
CA LYS D 20 17.50 -13.65 -50.29
C LYS D 20 16.95 -14.49 -49.14
N PHE D 21 15.69 -14.22 -48.78
CA PHE D 21 14.94 -14.99 -47.78
C PHE D 21 14.88 -16.46 -48.18
N LEU D 22 15.06 -17.33 -47.19
CA LEU D 22 14.93 -18.76 -47.36
C LEU D 22 13.78 -19.27 -46.48
N GLN D 23 13.91 -19.01 -45.18
CA GLN D 23 13.08 -19.65 -44.16
C GLN D 23 12.98 -18.80 -42.90
N GLN D 24 11.88 -18.95 -42.19
CA GLN D 24 11.73 -18.34 -40.87
C GLN D 24 12.47 -19.18 -39.84
N LEU D 25 13.12 -18.52 -38.87
CA LEU D 25 13.87 -19.21 -37.81
C LEU D 25 13.18 -19.11 -36.44
N GLY D 26 12.85 -17.90 -36.01
CA GLY D 26 12.15 -17.75 -34.72
C GLY D 26 12.08 -16.34 -34.19
N LYS D 27 11.19 -16.15 -33.21
CA LYS D 27 10.97 -14.86 -32.56
C LYS D 27 12.14 -14.49 -31.64
N GLY D 28 12.54 -13.24 -31.70
CA GLY D 28 13.46 -12.64 -30.74
C GLY D 28 12.74 -11.51 -30.01
N ASN D 29 13.44 -10.88 -29.08
CA ASN D 29 12.86 -9.76 -28.36
C ASN D 29 12.32 -8.73 -29.35
N PHE D 30 11.02 -8.38 -29.20
CA PHE D 30 10.22 -7.50 -30.12
C PHE D 30 10.62 -7.53 -31.63
N GLY D 31 10.79 -8.75 -32.14
CA GLY D 31 11.23 -8.95 -33.50
C GLY D 31 11.18 -10.40 -33.92
N SER D 32 11.94 -10.70 -34.96
CA SER D 32 11.91 -11.99 -35.62
C SER D 32 13.24 -12.22 -36.36
N VAL D 33 13.71 -13.46 -36.33
CA VAL D 33 14.94 -13.85 -37.02
C VAL D 33 14.59 -14.80 -38.14
N GLU D 34 15.22 -14.63 -39.28
CA GLU D 34 14.99 -15.50 -40.41
C GLU D 34 16.30 -15.91 -41.07
N MET D 35 16.24 -17.03 -41.79
CA MET D 35 17.39 -17.58 -42.49
C MET D 35 17.43 -16.96 -43.88
N CYS D 36 18.57 -16.39 -44.24
CA CYS D 36 18.74 -15.79 -45.56
C CYS D 36 20.05 -16.23 -46.17
N ARG D 37 20.14 -16.08 -47.49
CA ARG D 37 21.40 -16.30 -48.15
C ARG D 37 21.91 -14.98 -48.71
N TYR D 38 23.21 -14.72 -48.53
CA TYR D 38 23.85 -13.54 -49.12
C TYR D 38 24.74 -13.94 -50.28
N ASP D 39 24.30 -13.60 -51.48
CA ASP D 39 24.99 -14.05 -52.68
C ASP D 39 25.13 -12.93 -53.71
N PRO D 40 26.14 -12.05 -53.53
CA PRO D 40 26.37 -11.01 -54.53
C PRO D 40 26.74 -11.52 -55.94
N LEU D 41 27.40 -12.67 -56.00
CA LEU D 41 27.86 -13.24 -57.28
C LEU D 41 26.78 -14.07 -58.00
N GLN D 42 25.63 -14.26 -57.35
CA GLN D 42 24.48 -14.95 -57.94
C GLN D 42 24.76 -16.38 -58.40
N ASP D 43 25.92 -16.91 -58.03
CA ASP D 43 26.35 -18.26 -58.44
C ASP D 43 25.95 -19.34 -57.43
N ASN D 44 25.22 -18.94 -56.39
CA ASN D 44 24.78 -19.84 -55.32
C ASN D 44 25.94 -20.57 -54.64
N THR D 45 26.99 -19.81 -54.34
CA THR D 45 28.10 -20.26 -53.48
C THR D 45 28.25 -19.30 -52.28
N GLY D 46 27.20 -18.53 -52.01
CA GLY D 46 27.22 -17.53 -50.94
C GLY D 46 27.01 -18.17 -49.58
N GLU D 47 27.11 -17.37 -48.53
CA GLU D 47 26.91 -17.87 -47.16
C GLU D 47 25.48 -17.69 -46.67
N VAL D 48 25.07 -18.58 -45.78
CA VAL D 48 23.77 -18.50 -45.13
C VAL D 48 23.93 -17.68 -43.85
N VAL D 49 22.99 -16.76 -43.63
CA VAL D 49 23.04 -15.87 -42.47
C VAL D 49 21.70 -15.83 -41.75
N ALA D 50 21.74 -15.35 -40.51
CA ALA D 50 20.57 -15.08 -39.68
C ALA D 50 20.31 -13.57 -39.71
N VAL D 51 19.07 -13.16 -40.01
CA VAL D 51 18.73 -11.76 -40.18
C VAL D 51 17.58 -11.41 -39.22
N LYS D 52 17.80 -10.44 -38.36
CA LYS D 52 16.78 -9.96 -37.44
C LYS D 52 16.13 -8.68 -37.99
N LYS D 53 14.81 -8.68 -37.95
CA LYS D 53 14.01 -7.55 -38.31
C LYS D 53 13.01 -7.32 -37.21
N LEU D 54 12.61 -6.07 -37.06
CA LEU D 54 11.64 -5.71 -36.07
C LEU D 54 10.28 -6.20 -36.51
N GLN D 55 9.42 -6.38 -35.54
CA GLN D 55 8.02 -6.67 -35.77
C GLN D 55 7.28 -5.54 -35.09
N HIS D 56 6.29 -4.96 -35.77
CA HIS D 56 5.54 -3.83 -35.21
C HIS D 56 6.51 -2.69 -34.82
N SER D 57 7.22 -2.18 -35.81
CA SER D 57 8.27 -1.19 -35.59
C SER D 57 7.73 0.21 -35.29
N THR D 58 8.60 1.00 -34.67
CA THR D 58 8.31 2.36 -34.27
C THR D 58 9.62 3.13 -34.16
N GLU D 59 9.52 4.46 -34.05
CA GLU D 59 10.69 5.28 -33.79
C GLU D 59 11.47 4.78 -32.57
N GLU D 60 10.77 4.55 -31.47
CA GLU D 60 11.38 4.13 -30.21
C GLU D 60 12.06 2.76 -30.32
N HIS D 61 11.41 1.83 -31.01
CA HIS D 61 11.93 0.49 -31.21
C HIS D 61 13.16 0.47 -32.11
N LEU D 62 13.17 1.36 -33.09
CA LEU D 62 14.31 1.50 -34.01
C LEU D 62 15.54 2.00 -33.23
N ARG D 63 15.34 2.98 -32.35
CA ARG D 63 16.42 3.47 -31.48
C ARG D 63 17.03 2.36 -30.63
N ASP D 64 16.17 1.50 -30.09
CA ASP D 64 16.60 0.38 -29.26
C ASP D 64 17.32 -0.64 -30.12
N PHE D 65 16.75 -0.92 -31.28
CA PHE D 65 17.36 -1.86 -32.22
C PHE D 65 18.77 -1.38 -32.60
N GLU D 66 18.88 -0.09 -32.92
CA GLU D 66 20.19 0.53 -33.17
C GLU D 66 21.19 0.32 -32.03
N ARG D 67 20.73 0.46 -30.79
CA ARG D 67 21.57 0.21 -29.62
C ARG D 67 21.96 -1.27 -29.47
N GLU D 68 21.00 -2.16 -29.73
CA GLU D 68 21.27 -3.60 -29.76
C GLU D 68 22.34 -3.96 -30.80
N ILE D 69 22.26 -3.36 -31.98
CA ILE D 69 23.22 -3.59 -33.06
C ILE D 69 24.65 -3.20 -32.65
N GLU D 70 24.80 -2.04 -32.01
CA GLU D 70 26.09 -1.58 -31.51
C GLU D 70 26.63 -2.41 -30.37
N ILE D 71 25.75 -2.86 -29.49
CA ILE D 71 26.13 -3.82 -28.47
C ILE D 71 26.71 -5.05 -29.13
N LEU D 72 25.93 -5.70 -30.00
CA LEU D 72 26.37 -6.98 -30.61
C LEU D 72 27.65 -6.80 -31.41
N LYS D 73 27.75 -5.67 -32.08
CA LYS D 73 28.93 -5.35 -32.89
C LYS D 73 30.17 -5.25 -31.99
N SER D 74 29.98 -4.68 -30.79
CA SER D 74 31.07 -4.46 -29.83
C SER D 74 31.61 -5.74 -29.17
N LEU D 75 30.95 -6.88 -29.42
CA LEU D 75 31.29 -8.13 -28.76
C LEU D 75 31.97 -9.12 -29.69
N GLN D 76 33.16 -9.56 -29.30
CA GLN D 76 33.91 -10.58 -30.04
C GLN D 76 34.39 -11.67 -29.10
N HIS D 77 33.64 -12.77 -29.04
CA HIS D 77 33.94 -13.86 -28.11
C HIS D 77 33.41 -15.19 -28.67
N ASP D 78 34.12 -16.29 -28.40
CA ASP D 78 33.71 -17.65 -28.87
C ASP D 78 32.30 -18.05 -28.44
N ASN D 79 31.83 -17.48 -27.33
CA ASN D 79 30.56 -17.86 -26.74
C ASN D 79 29.54 -16.74 -26.83
N ILE D 80 29.68 -15.91 -27.85
CA ILE D 80 28.73 -14.86 -28.16
C ILE D 80 28.55 -14.88 -29.68
N VAL D 81 27.31 -14.89 -30.14
CA VAL D 81 26.94 -14.94 -31.54
C VAL D 81 27.54 -13.77 -32.30
N LYS D 82 28.03 -14.09 -33.48
CA LYS D 82 28.74 -13.12 -34.27
C LYS D 82 27.82 -12.12 -34.97
N TYR D 83 28.10 -10.85 -34.74
CA TYR D 83 27.67 -9.77 -35.61
C TYR D 83 28.38 -9.93 -36.94
N LYS D 84 27.64 -9.78 -38.03
CA LYS D 84 28.22 -9.80 -39.37
C LYS D 84 28.07 -8.45 -40.02
N GLY D 85 26.88 -7.86 -39.94
CA GLY D 85 26.68 -6.51 -40.44
C GLY D 85 25.26 -6.01 -40.33
N VAL D 86 24.94 -4.97 -41.11
CA VAL D 86 23.58 -4.43 -41.20
C VAL D 86 23.16 -4.45 -42.65
N CYS D 87 21.85 -4.50 -42.88
CA CYS D 87 21.30 -4.26 -44.21
C CYS D 87 20.34 -3.10 -44.08
N TYR D 88 20.57 -2.03 -44.86
CA TYR D 88 19.67 -0.88 -44.88
C TYR D 88 18.63 -1.11 -45.97
N SER D 89 17.58 -1.84 -45.62
CA SER D 89 16.60 -2.29 -46.59
C SER D 89 15.53 -1.22 -46.90
N ALA D 90 14.58 -1.58 -47.78
CA ALA D 90 13.53 -0.67 -48.22
C ALA D 90 14.17 0.57 -48.86
N GLY D 91 15.14 0.35 -49.74
CA GLY D 91 15.89 1.43 -50.39
C GLY D 91 16.62 2.33 -49.39
N ARG D 92 17.13 1.73 -48.32
CA ARG D 92 17.81 2.43 -47.21
C ARG D 92 16.91 3.27 -46.33
N ARG D 93 15.67 2.84 -46.16
CA ARG D 93 14.70 3.50 -45.26
C ARG D 93 14.20 2.52 -44.19
N ASN D 94 14.98 1.46 -43.99
CA ASN D 94 14.76 0.46 -42.95
C ASN D 94 16.10 -0.08 -42.48
N LEU D 95 16.09 -0.82 -41.37
CA LEU D 95 17.28 -1.44 -40.77
C LEU D 95 17.03 -2.93 -40.49
N LYS D 96 18.01 -3.77 -40.81
CA LYS D 96 18.03 -5.18 -40.44
C LYS D 96 19.42 -5.57 -39.93
N LEU D 97 19.47 -6.51 -38.98
CA LEU D 97 20.73 -6.97 -38.38
C LEU D 97 21.14 -8.30 -38.98
N ILE D 98 22.38 -8.36 -39.45
CA ILE D 98 22.95 -9.58 -40.02
C ILE D 98 23.86 -10.27 -38.97
N MET D 99 23.59 -11.55 -38.73
CA MET D 99 24.31 -12.36 -37.75
C MET D 99 24.70 -13.68 -38.38
N GLU D 100 25.61 -14.38 -37.74
CA GLU D 100 25.94 -15.74 -38.16
C GLU D 100 24.75 -16.63 -37.98
N TYR D 101 24.64 -17.62 -38.87
CA TYR D 101 23.64 -18.65 -38.77
C TYR D 101 24.21 -19.83 -37.99
N LEU D 102 23.51 -20.23 -36.93
CA LEU D 102 23.89 -21.41 -36.11
C LEU D 102 22.88 -22.55 -36.30
N PRO D 103 23.26 -23.61 -37.03
CA PRO D 103 22.33 -24.62 -37.55
C PRO D 103 21.40 -25.27 -36.53
N TYR D 104 21.89 -25.51 -35.32
CA TYR D 104 21.14 -26.24 -34.29
C TYR D 104 20.24 -25.35 -33.42
N GLY D 105 20.26 -24.05 -33.71
CA GLY D 105 19.27 -23.13 -33.18
C GLY D 105 19.42 -22.93 -31.69
N SER D 106 18.30 -22.78 -30.99
CA SER D 106 18.33 -22.45 -29.57
C SER D 106 18.72 -23.67 -28.75
N LEU D 107 19.37 -23.41 -27.63
CA LEU D 107 19.76 -24.47 -26.71
C LEU D 107 18.54 -25.19 -26.12
N ARG D 108 17.44 -24.45 -25.94
CA ARG D 108 16.20 -25.03 -25.45
C ARG D 108 15.67 -26.09 -26.41
N ASP D 109 15.57 -25.74 -27.68
CA ASP D 109 15.09 -26.69 -28.68
C ASP D 109 16.04 -27.86 -28.83
N TYR D 110 17.34 -27.56 -28.89
CA TYR D 110 18.39 -28.57 -29.05
C TYR D 110 18.43 -29.61 -27.93
N LEU D 111 18.19 -29.16 -26.70
CA LEU D 111 18.06 -30.05 -25.53
C LEU D 111 16.92 -31.07 -25.66
N GLN D 112 15.74 -30.60 -26.11
CA GLN D 112 14.57 -31.45 -26.30
C GLN D 112 14.79 -32.44 -27.45
N LYS D 113 15.28 -31.94 -28.57
CA LYS D 113 15.42 -32.73 -29.80
C LYS D 113 16.63 -33.67 -29.87
N HIS D 114 17.68 -33.39 -29.10
CA HIS D 114 18.93 -34.16 -29.18
C HIS D 114 19.44 -34.72 -27.85
N LYS D 115 18.53 -35.05 -26.94
CA LYS D 115 18.97 -35.50 -25.60
C LYS D 115 19.71 -36.86 -25.61
N GLU D 116 19.54 -37.61 -26.70
CA GLU D 116 20.33 -38.82 -26.97
C GLU D 116 21.84 -38.52 -27.07
N ARG D 117 22.17 -37.29 -27.40
CA ARG D 117 23.54 -36.83 -27.55
C ARG D 117 24.03 -36.06 -26.31
N ILE D 118 23.17 -35.93 -25.30
CA ILE D 118 23.45 -35.07 -24.16
C ILE D 118 23.55 -35.83 -22.83
N ASP D 119 24.60 -35.54 -22.08
CA ASP D 119 24.85 -36.05 -20.73
C ASP D 119 25.35 -34.91 -19.83
N HIS D 120 25.60 -35.22 -18.56
CA HIS D 120 26.00 -34.22 -17.57
C HIS D 120 27.30 -33.50 -17.88
N ILE D 121 28.27 -34.22 -18.44
CA ILE D 121 29.54 -33.63 -18.86
C ILE D 121 29.29 -32.50 -19.90
N LYS D 122 28.40 -32.79 -20.83
CA LYS D 122 28.02 -31.86 -21.89
C LYS D 122 27.28 -30.66 -21.31
N LEU D 123 26.33 -30.91 -20.41
CA LEU D 123 25.61 -29.83 -19.71
C LEU D 123 26.56 -28.86 -18.98
N LEU D 124 27.58 -29.41 -18.33
CA LEU D 124 28.59 -28.62 -17.63
C LEU D 124 29.50 -27.83 -18.57
N GLN D 125 29.86 -28.44 -19.69
CA GLN D 125 30.57 -27.75 -20.75
C GLN D 125 29.80 -26.52 -21.24
N TYR D 126 28.51 -26.68 -21.47
CA TYR D 126 27.61 -25.56 -21.81
C TYR D 126 27.55 -24.51 -20.69
N THR D 127 27.38 -24.97 -19.46
CA THR D 127 27.35 -24.07 -18.29
C THR D 127 28.58 -23.18 -18.23
N SER D 128 29.74 -23.80 -18.34
CA SER D 128 31.03 -23.10 -18.33
C SER D 128 31.10 -22.05 -19.42
N GLN D 129 30.69 -22.43 -20.62
CA GLN D 129 30.69 -21.55 -21.80
C GLN D 129 29.82 -20.30 -21.60
N ILE D 130 28.64 -20.49 -21.01
CA ILE D 130 27.72 -19.39 -20.76
C ILE D 130 28.31 -18.44 -19.74
N CYS D 131 28.90 -19.00 -18.69
CA CYS D 131 29.62 -18.20 -17.73
C CYS D 131 30.68 -17.32 -18.38
N LYS D 132 31.45 -17.92 -19.28
CA LYS D 132 32.58 -17.22 -19.90
C LYS D 132 32.10 -16.10 -20.82
N GLY D 133 31.03 -16.36 -21.57
CA GLY D 133 30.40 -15.32 -22.36
C GLY D 133 29.91 -14.19 -21.47
N MET D 134 29.25 -14.54 -20.37
CA MET D 134 28.83 -13.56 -19.36
C MET D 134 29.98 -12.84 -18.65
N GLU D 135 31.07 -13.52 -18.37
CA GLU D 135 32.30 -12.83 -17.93
C GLU D 135 32.69 -11.73 -18.92
N TYR D 136 32.69 -12.11 -20.20
CA TYR D 136 33.03 -11.17 -21.27
C TYR D 136 32.10 -9.98 -21.32
N LEU D 137 30.79 -10.22 -21.17
CA LEU D 137 29.80 -9.13 -21.18
C LEU D 137 30.10 -8.12 -20.08
N GLY D 138 30.47 -8.64 -18.91
CA GLY D 138 30.73 -7.83 -17.74
C GLY D 138 31.85 -6.84 -17.91
N THR D 139 32.84 -7.20 -18.74
CA THR D 139 33.98 -6.32 -19.03
C THR D 139 33.56 -5.08 -19.80
N LYS D 140 32.45 -5.18 -20.52
CA LYS D 140 31.90 -4.03 -21.25
C LYS D 140 30.77 -3.34 -20.48
N ARG D 141 30.53 -3.81 -19.25
CA ARG D 141 29.49 -3.32 -18.35
C ARG D 141 28.10 -3.51 -18.94
N TYR D 142 27.93 -4.61 -19.66
CA TYR D 142 26.66 -4.97 -20.26
C TYR D 142 25.86 -5.89 -19.33
N ILE D 143 24.64 -5.47 -18.99
CA ILE D 143 23.67 -6.31 -18.27
C ILE D 143 22.75 -6.93 -19.33
N HIS D 144 22.76 -8.24 -19.47
CA HIS D 144 22.01 -8.91 -20.54
C HIS D 144 20.49 -8.79 -20.40
N ARG D 145 20.01 -9.06 -19.19
CA ARG D 145 18.60 -8.92 -18.77
C ARG D 145 17.63 -10.01 -19.23
N ASP D 146 18.08 -10.99 -19.99
CA ASP D 146 17.19 -12.00 -20.57
C ASP D 146 17.86 -13.36 -20.80
N LEU D 147 18.75 -13.74 -19.88
CA LEU D 147 19.43 -15.04 -19.97
C LEU D 147 18.46 -16.18 -19.80
N ALA D 148 18.38 -17.05 -20.81
CA ALA D 148 17.48 -18.20 -20.80
C ALA D 148 17.94 -19.17 -21.89
N THR D 149 17.57 -20.46 -21.82
CA THR D 149 18.07 -21.38 -22.87
C THR D 149 17.52 -21.05 -24.27
N ARG D 150 16.35 -20.41 -24.34
CA ARG D 150 15.75 -19.98 -25.62
C ARG D 150 16.57 -18.91 -26.32
N ASN D 151 17.40 -18.19 -25.54
CA ASN D 151 18.24 -17.09 -26.03
C ASN D 151 19.71 -17.44 -26.14
N ILE D 152 19.99 -18.73 -25.95
CA ILE D 152 21.32 -19.28 -26.12
C ILE D 152 21.30 -20.15 -27.34
N LEU D 153 22.37 -20.07 -28.12
CA LEU D 153 22.48 -20.76 -29.39
C LEU D 153 23.49 -21.89 -29.35
N VAL D 154 23.24 -22.89 -30.17
CA VAL D 154 24.16 -24.01 -30.33
C VAL D 154 24.83 -23.95 -31.70
N GLU D 155 26.13 -23.70 -31.72
CA GLU D 155 26.91 -23.82 -32.95
C GLU D 155 27.06 -25.30 -33.31
N ASN D 156 27.46 -26.12 -32.33
CA ASN D 156 27.57 -27.57 -32.50
C ASN D 156 27.49 -28.30 -31.14
N GLU D 157 27.67 -29.63 -31.18
CA GLU D 157 27.76 -30.47 -29.97
C GLU D 157 28.60 -29.82 -28.87
N ASN D 158 29.71 -29.23 -29.27
CA ASN D 158 30.74 -28.78 -28.36
C ASN D 158 30.77 -27.28 -28.02
N ARG D 159 29.89 -26.49 -28.63
CA ARG D 159 29.93 -25.06 -28.40
C ARG D 159 28.58 -24.36 -28.42
N VAL D 160 28.28 -23.64 -27.34
CA VAL D 160 27.11 -22.76 -27.29
C VAL D 160 27.52 -21.29 -27.22
N LYS D 161 26.59 -20.42 -27.60
CA LYS D 161 26.85 -18.99 -27.69
C LYS D 161 25.65 -18.21 -27.18
N ILE D 162 25.93 -17.16 -26.40
CA ILE D 162 24.90 -16.27 -25.89
C ILE D 162 24.40 -15.35 -27.01
N GLY D 163 23.07 -15.23 -27.11
CA GLY D 163 22.40 -14.37 -28.09
C GLY D 163 21.35 -13.44 -27.50
N ASP D 164 20.44 -12.97 -28.35
CA ASP D 164 19.39 -11.99 -27.99
C ASP D 164 19.82 -10.92 -26.97
N PHE D 165 20.49 -9.89 -27.47
CA PHE D 165 20.87 -8.73 -26.68
C PHE D 165 19.84 -7.62 -26.80
N GLY D 166 18.62 -8.01 -27.15
CA GLY D 166 17.48 -7.11 -27.36
C GLY D 166 17.07 -6.31 -26.14
N LEU D 167 17.37 -6.84 -24.95
CA LEU D 167 17.06 -6.14 -23.71
C LEU D 167 18.30 -5.61 -23.00
N THR D 168 19.48 -5.81 -23.58
CA THR D 168 20.74 -5.55 -22.88
C THR D 168 20.91 -4.07 -22.57
N LYS D 169 21.49 -3.77 -21.41
CA LYS D 169 21.73 -2.37 -21.01
C LYS D 169 23.17 -2.20 -20.63
N VAL D 170 23.67 -0.98 -20.76
CA VAL D 170 25.04 -0.63 -20.39
C VAL D 170 24.96 0.18 -19.09
N LEU D 171 25.65 -0.28 -18.05
CA LEU D 171 25.68 0.41 -16.78
C LEU D 171 26.31 1.78 -16.96
N PRO D 172 25.66 2.84 -16.43
CA PRO D 172 26.32 4.13 -16.45
C PRO D 172 27.65 4.08 -15.73
N GLN D 173 28.53 4.99 -16.11
CA GLN D 173 29.86 5.10 -15.54
C GLN D 173 29.95 4.85 -14.02
N ASP D 174 29.11 5.55 -13.26
CA ASP D 174 29.26 5.63 -11.80
C ASP D 174 28.29 4.73 -11.00
N LYS D 175 27.55 3.84 -11.69
CA LYS D 175 26.51 3.03 -11.04
C LYS D 175 26.75 1.53 -11.23
N GLU D 176 26.17 0.74 -10.33
CA GLU D 176 26.31 -0.72 -10.37
C GLU D 176 24.99 -1.47 -10.61
N PTR D 177 23.89 -0.74 -10.69
CA PTR D 177 22.62 -1.30 -11.13
C PTR D 177 21.99 -0.35 -12.16
O PTR D 177 22.31 0.84 -12.20
CB PTR D 177 21.63 -1.52 -9.97
CG PTR D 177 21.16 -0.24 -9.34
CD1 PTR D 177 21.76 0.26 -8.19
CD2 PTR D 177 20.12 0.48 -9.90
CE1 PTR D 177 21.35 1.44 -7.63
CE2 PTR D 177 19.68 1.67 -9.33
CZ PTR D 177 20.30 2.15 -8.20
OH PTR D 177 19.92 3.22 -7.71
P PTR D 177 19.60 3.45 -6.14
O1P PTR D 177 19.11 4.91 -5.95
O2P PTR D 177 18.56 2.47 -5.72
O3P PTR D 177 20.86 3.23 -5.27
N PTR D 178 21.09 -0.90 -12.96
CA PTR D 178 20.33 -0.13 -13.92
C PTR D 178 18.82 -0.34 -13.72
O PTR D 178 18.33 -1.46 -13.75
CB PTR D 178 20.80 -0.54 -15.31
CG PTR D 178 20.18 0.25 -16.44
CD1 PTR D 178 20.95 1.11 -17.23
CD2 PTR D 178 18.84 0.11 -16.75
CE1 PTR D 178 20.37 1.83 -18.26
CE2 PTR D 178 18.26 0.82 -17.78
CZ PTR D 178 19.01 1.67 -18.54
OH PTR D 178 18.40 2.27 -19.44
P PTR D 178 18.99 3.32 -20.53
O1P PTR D 178 17.85 4.00 -21.30
O2P PTR D 178 19.78 4.38 -19.83
O3P PTR D 178 19.85 2.52 -21.53
N LYS D 179 18.10 0.74 -13.51
CA LYS D 179 16.67 0.69 -13.24
C LYS D 179 15.91 0.96 -14.52
N VAL D 180 15.13 -0.03 -14.96
CA VAL D 180 14.38 0.07 -16.19
C VAL D 180 12.91 -0.21 -15.89
N LYS D 181 12.11 0.85 -15.88
CA LYS D 181 10.65 0.74 -15.80
C LYS D 181 10.09 0.64 -17.22
N GLU D 182 9.55 -0.53 -17.54
CA GLU D 182 9.05 -0.83 -18.89
C GLU D 182 7.65 -1.47 -18.87
N PRO D 183 6.85 -1.21 -19.92
CA PRO D 183 5.52 -1.81 -20.01
C PRO D 183 5.55 -3.16 -20.72
N GLY D 184 4.43 -3.88 -20.64
CA GLY D 184 4.29 -5.17 -21.34
C GLY D 184 4.97 -6.33 -20.63
N GLU D 185 5.01 -7.47 -21.32
CA GLU D 185 5.43 -8.76 -20.75
C GLU D 185 6.91 -8.80 -20.39
N SER D 186 7.22 -9.24 -19.18
CA SER D 186 8.60 -9.57 -18.79
C SER D 186 8.73 -11.08 -18.56
N PRO D 187 9.94 -11.61 -18.70
CA PRO D 187 10.14 -13.03 -18.41
C PRO D 187 10.32 -13.20 -16.90
N ILE D 188 9.19 -13.13 -16.18
CA ILE D 188 9.19 -12.98 -14.73
C ILE D 188 9.79 -14.19 -14.01
N PHE D 189 9.66 -15.37 -14.60
CA PHE D 189 10.17 -16.60 -13.99
C PHE D 189 11.71 -16.77 -14.08
N TRP D 190 12.39 -15.84 -14.74
CA TRP D 190 13.86 -15.76 -14.73
C TRP D 190 14.39 -14.54 -13.94
N TYR D 191 13.48 -13.73 -13.42
CA TYR D 191 13.87 -12.47 -12.76
C TYR D 191 14.29 -12.67 -11.32
N ALA D 192 15.37 -11.98 -10.93
CA ALA D 192 15.75 -11.83 -9.53
C ALA D 192 14.65 -11.09 -8.78
N PRO D 193 14.54 -11.33 -7.47
CA PRO D 193 13.51 -10.64 -6.67
C PRO D 193 13.52 -9.11 -6.79
N GLU D 194 14.71 -8.50 -6.85
CA GLU D 194 14.85 -7.04 -6.92
C GLU D 194 14.53 -6.50 -8.30
N SER D 195 14.56 -7.39 -9.30
CA SER D 195 14.13 -7.04 -10.65
C SER D 195 12.61 -6.96 -10.66
N LEU D 196 11.95 -7.97 -10.07
CA LEU D 196 10.49 -7.96 -9.93
C LEU D 196 10.02 -6.79 -9.07
N THR D 197 10.61 -6.61 -7.90
CA THR D 197 10.15 -5.59 -6.94
C THR D 197 10.60 -4.17 -7.27
N GLU D 198 11.85 -3.99 -7.69
CA GLU D 198 12.41 -2.64 -7.85
C GLU D 198 12.81 -2.26 -9.28
N SER D 199 12.56 -3.16 -10.24
CA SER D 199 13.00 -2.95 -11.64
C SER D 199 14.53 -2.75 -11.75
N LYS D 200 15.29 -3.27 -10.78
CA LYS D 200 16.74 -3.11 -10.72
C LYS D 200 17.43 -4.32 -11.35
N PHE D 201 18.23 -4.01 -12.38
CA PHE D 201 19.02 -5.02 -13.07
C PHE D 201 20.53 -4.76 -12.91
N SER D 202 21.31 -5.83 -12.93
CA SER D 202 22.73 -5.80 -12.62
C SER D 202 23.40 -7.08 -13.06
N VAL D 203 24.73 -7.13 -12.95
CA VAL D 203 25.48 -8.35 -13.17
C VAL D 203 24.90 -9.45 -12.26
N ALA D 204 24.61 -9.08 -11.00
CA ALA D 204 24.07 -10.04 -10.02
C ALA D 204 22.69 -10.60 -10.40
N SER D 205 21.86 -9.77 -11.03
CA SER D 205 20.56 -10.20 -11.52
C SER D 205 20.73 -11.17 -12.69
N ASP D 206 21.76 -10.94 -13.51
CA ASP D 206 22.14 -11.90 -14.54
C ASP D 206 22.60 -13.25 -13.96
N VAL D 207 23.34 -13.19 -12.86
CA VAL D 207 23.77 -14.39 -12.12
C VAL D 207 22.55 -15.18 -11.60
N TRP D 208 21.57 -14.50 -11.01
CA TRP D 208 20.29 -15.13 -10.65
C TRP D 208 19.68 -15.86 -11.84
N SER D 209 19.45 -15.11 -12.92
CA SER D 209 18.91 -15.69 -14.17
C SER D 209 19.76 -16.88 -14.64
N PHE D 210 21.08 -16.77 -14.53
CA PHE D 210 21.99 -17.86 -14.88
C PHE D 210 21.65 -19.12 -14.08
N GLY D 211 21.43 -18.93 -12.79
CA GLY D 211 20.98 -20.02 -11.92
C GLY D 211 19.78 -20.74 -12.51
N VAL D 212 18.85 -19.98 -13.09
CA VAL D 212 17.66 -20.54 -13.76
C VAL D 212 18.05 -21.30 -15.04
N VAL D 213 18.96 -20.73 -15.83
CA VAL D 213 19.50 -21.43 -17.01
C VAL D 213 20.11 -22.79 -16.64
N LEU D 214 20.89 -22.83 -15.57
CA LEU D 214 21.47 -24.08 -15.08
C LEU D 214 20.40 -25.09 -14.67
N TYR D 215 19.36 -24.61 -14.01
CA TYR D 215 18.18 -25.42 -13.73
C TYR D 215 17.58 -25.97 -15.03
N GLU D 216 17.32 -25.08 -15.99
CA GLU D 216 16.82 -25.49 -17.30
C GLU D 216 17.66 -26.62 -17.86
N LEU D 217 18.97 -26.40 -17.93
CA LEU D 217 19.89 -27.41 -18.42
C LEU D 217 19.64 -28.81 -17.79
N PHE D 218 19.60 -28.89 -16.47
CA PHE D 218 19.46 -30.17 -15.77
C PHE D 218 18.02 -30.72 -15.68
N THR D 219 17.03 -29.95 -16.14
CA THR D 219 15.68 -30.49 -16.35
C THR D 219 15.53 -31.10 -17.75
N TYR D 220 16.52 -30.84 -18.62
CA TYR D 220 16.52 -31.32 -20.01
C TYR D 220 15.33 -30.80 -20.82
N ILE D 221 14.78 -29.65 -20.41
CA ILE D 221 13.56 -29.07 -21.00
C ILE D 221 12.39 -30.09 -21.02
N GLU D 222 12.25 -30.86 -19.93
CA GLU D 222 11.17 -31.84 -19.80
C GLU D 222 9.84 -31.11 -19.64
N LYS D 223 8.79 -31.72 -20.16
CA LYS D 223 7.47 -31.08 -20.24
C LYS D 223 7.09 -30.25 -18.99
N SER D 224 6.81 -30.93 -17.89
CA SER D 224 6.22 -30.27 -16.70
C SER D 224 7.22 -29.46 -15.86
N LYS D 225 8.49 -29.50 -16.23
CA LYS D 225 9.57 -29.06 -15.33
C LYS D 225 10.11 -27.66 -15.61
N SER D 226 9.68 -27.03 -16.70
CA SER D 226 10.10 -25.66 -16.99
C SER D 226 9.85 -24.71 -15.80
N PRO D 227 10.67 -23.65 -15.68
CA PRO D 227 10.43 -22.64 -14.64
C PRO D 227 8.99 -22.08 -14.56
N PRO D 228 8.36 -21.68 -15.68
CA PRO D 228 6.96 -21.24 -15.58
C PRO D 228 6.00 -22.29 -15.02
N ALA D 229 6.07 -23.51 -15.55
CA ALA D 229 5.23 -24.62 -15.10
C ALA D 229 5.46 -24.92 -13.62
N GLU D 230 6.73 -24.96 -13.22
CA GLU D 230 7.08 -25.24 -11.82
C GLU D 230 6.61 -24.15 -10.84
N PHE D 231 6.92 -22.91 -11.14
CA PHE D 231 6.42 -21.78 -10.34
C PHE D 231 4.89 -21.71 -10.33
N MET D 232 4.26 -21.91 -11.47
CA MET D 232 2.80 -21.83 -11.52
C MET D 232 2.19 -22.95 -10.69
N ARG D 233 2.84 -24.11 -10.70
CA ARG D 233 2.43 -25.25 -9.88
C ARG D 233 2.51 -24.94 -8.40
N MET D 234 3.60 -24.32 -7.97
CA MET D 234 3.78 -23.89 -6.58
C MET D 234 2.82 -22.75 -6.19
N ILE D 235 2.62 -21.80 -7.09
CA ILE D 235 1.76 -20.64 -6.85
C ILE D 235 0.25 -20.96 -6.89
N GLY D 236 -0.13 -21.93 -7.71
CA GLY D 236 -1.52 -22.26 -7.98
C GLY D 236 -1.82 -21.95 -9.43
N ASN D 237 -2.07 -22.98 -10.24
CA ASN D 237 -2.32 -22.82 -11.69
C ASN D 237 -3.57 -22.00 -12.02
N ASP D 238 -4.50 -21.92 -11.06
CA ASP D 238 -5.68 -21.06 -11.16
C ASP D 238 -5.34 -19.57 -11.34
N LYS D 239 -4.25 -19.13 -10.72
CA LYS D 239 -3.88 -17.70 -10.66
C LYS D 239 -3.72 -17.06 -12.04
N GLN D 240 -4.28 -15.87 -12.19
CA GLN D 240 -4.13 -15.11 -13.41
C GLN D 240 -3.81 -13.67 -13.14
N GLY D 241 -3.18 -13.02 -14.11
CA GLY D 241 -2.89 -11.61 -14.03
C GLY D 241 -1.77 -11.27 -13.06
N GLN D 242 -2.01 -10.22 -12.30
CA GLN D 242 -1.03 -9.59 -11.42
C GLN D 242 -0.85 -10.46 -10.18
N MET D 243 -1.89 -11.19 -9.81
CA MET D 243 -1.83 -12.19 -8.76
C MET D 243 -0.67 -13.19 -8.91
N ILE D 244 -0.31 -13.49 -10.15
CA ILE D 244 0.83 -14.38 -10.40
C ILE D 244 2.10 -13.74 -9.86
N VAL D 245 2.26 -12.46 -10.17
CA VAL D 245 3.45 -11.70 -9.81
C VAL D 245 3.52 -11.53 -8.29
N PHE D 246 2.40 -11.12 -7.70
CA PHE D 246 2.27 -10.97 -6.25
C PHE D 246 2.80 -12.19 -5.50
N HIS D 247 2.31 -13.36 -5.90
CA HIS D 247 2.66 -14.64 -5.26
C HIS D 247 4.08 -15.12 -5.55
N LEU D 248 4.59 -14.82 -6.75
CA LEU D 248 5.96 -15.14 -7.10
C LEU D 248 6.91 -14.32 -6.22
N ILE D 249 6.62 -13.04 -6.09
CA ILE D 249 7.44 -12.19 -5.24
C ILE D 249 7.47 -12.74 -3.82
N GLU D 250 6.27 -12.99 -3.28
CA GLU D 250 6.12 -13.49 -1.94
C GLU D 250 6.81 -14.84 -1.77
N LEU D 251 6.61 -15.71 -2.76
CA LEU D 251 7.29 -17.01 -2.81
C LEU D 251 8.81 -16.86 -2.75
N LEU D 252 9.36 -15.97 -3.57
CA LEU D 252 10.81 -15.80 -3.67
C LEU D 252 11.42 -15.12 -2.44
N LYS D 253 10.76 -14.07 -1.96
CA LYS D 253 11.25 -13.31 -0.80
C LYS D 253 11.44 -14.20 0.44
N ASN D 254 10.65 -15.27 0.52
CA ASN D 254 10.67 -16.18 1.66
C ASN D 254 11.20 -17.59 1.29
N ASN D 255 12.16 -17.62 0.36
CA ASN D 255 13.01 -18.80 0.09
C ASN D 255 12.34 -19.92 -0.71
N GLY D 256 11.22 -19.62 -1.37
CA GLY D 256 10.62 -20.59 -2.30
C GLY D 256 11.51 -20.66 -3.54
N ARG D 257 11.78 -21.86 -4.02
CA ARG D 257 12.77 -22.05 -5.11
C ARG D 257 12.35 -23.17 -6.04
N LEU D 258 12.85 -23.12 -7.27
CA LEU D 258 12.73 -24.27 -8.16
C LEU D 258 13.33 -25.48 -7.42
N PRO D 259 12.73 -26.68 -7.59
CA PRO D 259 13.27 -27.86 -6.94
C PRO D 259 14.51 -28.37 -7.66
N ARG D 260 15.19 -29.33 -7.03
CA ARG D 260 16.32 -30.02 -7.64
C ARG D 260 15.79 -30.95 -8.74
N PRO D 261 16.24 -30.77 -9.99
CA PRO D 261 15.81 -31.71 -11.01
C PRO D 261 16.22 -33.14 -10.67
N ASP D 262 15.42 -34.09 -11.15
CA ASP D 262 15.69 -35.51 -10.94
C ASP D 262 16.99 -35.89 -11.65
N GLY D 263 17.89 -36.48 -10.89
CA GLY D 263 19.20 -36.85 -11.42
C GLY D 263 20.26 -35.77 -11.31
N CYS D 264 19.89 -34.59 -10.80
CA CYS D 264 20.85 -33.49 -10.70
C CYS D 264 21.72 -33.67 -9.46
N PRO D 265 23.05 -33.67 -9.64
CA PRO D 265 23.91 -33.83 -8.47
C PRO D 265 23.74 -32.70 -7.48
N ASP D 266 23.78 -33.03 -6.19
CA ASP D 266 23.61 -32.04 -5.12
C ASP D 266 24.50 -30.79 -5.29
N GLU D 267 25.74 -30.98 -5.74
CA GLU D 267 26.68 -29.84 -5.86
C GLU D 267 26.32 -28.87 -6.99
N ILE D 268 25.78 -29.42 -8.09
CA ILE D 268 25.21 -28.60 -9.17
C ILE D 268 24.00 -27.83 -8.67
N TYR D 269 23.09 -28.50 -7.96
CA TYR D 269 21.93 -27.83 -7.36
C TYR D 269 22.37 -26.76 -6.38
N MET D 270 23.47 -27.02 -5.67
CA MET D 270 24.04 -26.05 -4.74
C MET D 270 24.44 -24.76 -5.43
N ILE D 271 24.98 -24.87 -6.64
CA ILE D 271 25.34 -23.70 -7.47
C ILE D 271 24.10 -22.88 -7.80
N MET D 272 23.02 -23.54 -8.22
CA MET D 272 21.74 -22.87 -8.51
C MET D 272 21.29 -22.05 -7.33
N THR D 273 21.23 -22.71 -6.17
CA THR D 273 20.75 -22.10 -4.91
C THR D 273 21.62 -20.92 -4.42
N GLU D 274 22.91 -20.97 -4.70
CA GLU D 274 23.81 -19.85 -4.41
C GLU D 274 23.62 -18.67 -5.36
N CYS D 275 23.36 -18.96 -6.63
CA CYS D 275 23.00 -17.91 -7.59
C CYS D 275 21.69 -17.26 -7.19
N TRP D 276 20.72 -18.07 -6.77
CA TRP D 276 19.42 -17.58 -6.29
C TRP D 276 19.51 -17.07 -4.86
N ASN D 277 20.34 -16.08 -4.62
CA ASN D 277 20.46 -15.51 -3.28
C ASN D 277 19.75 -14.19 -3.26
N ASN D 278 18.81 -14.02 -2.34
CA ASN D 278 18.13 -12.73 -2.17
C ASN D 278 19.08 -11.59 -1.90
N ASN D 279 20.19 -11.88 -1.21
CA ASN D 279 21.21 -10.89 -0.96
C ASN D 279 22.05 -10.75 -2.23
N VAL D 280 21.87 -9.63 -2.93
CA VAL D 280 22.45 -9.42 -4.26
C VAL D 280 23.98 -9.54 -4.25
N ASN D 281 24.61 -8.91 -3.26
CA ASN D 281 26.07 -8.88 -3.12
C ASN D 281 26.72 -10.20 -2.68
N GLN D 282 25.90 -11.15 -2.21
CA GLN D 282 26.41 -12.47 -1.80
C GLN D 282 26.35 -13.48 -2.92
N ARG D 283 25.76 -13.10 -4.05
CA ARG D 283 25.78 -13.96 -5.23
C ARG D 283 27.20 -14.03 -5.76
N PRO D 284 27.59 -15.20 -6.28
CA PRO D 284 28.94 -15.41 -6.80
C PRO D 284 29.10 -14.72 -8.15
N SER D 285 30.32 -14.34 -8.49
CA SER D 285 30.59 -13.72 -9.81
C SER D 285 30.59 -14.76 -10.92
N PHE D 286 30.46 -14.29 -12.15
CA PHE D 286 30.58 -15.19 -13.30
C PHE D 286 31.95 -15.86 -13.40
N ARG D 287 32.99 -15.15 -12.97
CA ARG D 287 34.34 -15.74 -12.88
C ARG D 287 34.44 -16.87 -11.85
N ASP D 288 33.84 -16.66 -10.67
CA ASP D 288 33.72 -17.69 -9.61
C ASP D 288 33.06 -18.95 -10.13
N LEU D 289 31.96 -18.75 -10.84
CA LEU D 289 31.14 -19.83 -11.40
C LEU D 289 31.88 -20.63 -12.46
N ALA D 290 32.56 -19.93 -13.38
CA ALA D 290 33.30 -20.58 -14.46
C ALA D 290 34.40 -21.46 -13.89
N LEU D 291 35.17 -20.90 -12.96
CA LEU D 291 36.23 -21.63 -12.27
C LEU D 291 35.66 -22.89 -11.57
N ARG D 292 34.63 -22.70 -10.75
CA ARG D 292 33.97 -23.79 -10.03
C ARG D 292 33.54 -24.91 -10.97
N VAL D 293 32.80 -24.55 -11.99
CA VAL D 293 32.27 -25.52 -12.96
C VAL D 293 33.43 -26.26 -13.64
N ASP D 294 34.45 -25.51 -14.04
CA ASP D 294 35.56 -26.10 -14.78
C ASP D 294 36.39 -27.01 -13.87
N GLN D 295 36.50 -26.61 -12.60
CA GLN D 295 37.14 -27.43 -11.58
C GLN D 295 36.36 -28.72 -11.29
N ILE D 296 35.02 -28.64 -11.24
CA ILE D 296 34.19 -29.83 -11.09
C ILE D 296 34.47 -30.74 -12.27
N ARG D 297 34.35 -30.19 -13.48
CA ARG D 297 34.63 -30.93 -14.72
C ARG D 297 36.04 -31.58 -14.75
N ASP D 298 37.04 -30.85 -14.29
CA ASP D 298 38.43 -31.30 -14.27
C ASP D 298 38.67 -32.40 -13.21
N ASN D 299 37.85 -32.40 -12.15
CA ASN D 299 37.93 -33.40 -11.08
C ASN D 299 37.12 -34.70 -11.37
N MET D 300 36.16 -34.62 -12.29
CA MET D 300 35.39 -35.81 -12.72
C MET D 300 36.09 -36.60 -13.82
N ALA D 301 36.59 -35.87 -14.83
CA ALA D 301 37.08 -36.46 -16.10
C ALA D 301 38.30 -37.37 -15.97
N GLY D 302 38.97 -37.33 -14.82
CA GLY D 302 40.06 -38.27 -14.52
C GLY D 302 39.57 -39.53 -13.82
C1 0NH E . -16.51 11.39 -4.49
C2 0NH E . -15.49 11.11 -5.62
C3 0NH E . -14.70 9.84 -5.31
C4 0NH E . -15.61 8.60 -5.32
N5 0NH E . -16.43 8.58 -6.56
C6 0NH E . -17.20 9.78 -6.92
C7 0NH E . -16.24 10.97 -6.96
S8 0NH E . -16.55 7.20 -7.48
O9 0NH E . -15.33 6.51 -7.25
O10 0NH E . -17.79 6.65 -7.03
C11 0NH E . -16.68 7.76 -9.19
N12 0NH E . -14.57 12.25 -5.72
C13 0NH E . -14.61 13.37 -4.96
N14 0NH E . -13.67 14.21 -5.30
C15 0NH E . -12.96 13.67 -6.34
C16 0NH E . -13.53 12.40 -6.61
C17 0NH E . -12.95 11.65 -7.65
C18 0NH E . -13.23 10.33 -8.23
C19 0NH E . -12.34 10.13 -9.20
N20 0NH E . -11.52 11.22 -9.30
C22 0NH E . -11.86 12.17 -8.36
N23 0NH E . -11.38 13.36 -8.06
C24 0NH E . -11.88 14.09 -7.09
C1 0NH F . -9.70 22.35 9.51
C2 0NH F . -8.47 23.16 9.07
C3 0NH F . -8.98 24.48 8.45
C4 0NH F . -9.53 25.49 9.49
N5 0NH F . -8.71 25.50 10.71
C6 0NH F . -8.28 24.22 11.32
C7 0NH F . -7.56 23.39 10.27
S8 0NH F . -8.28 26.93 11.44
O9 0NH F . -7.63 27.69 10.44
O10 0NH F . -9.51 27.39 11.99
C11 0NH F . -7.07 26.46 12.71
N12 0NH F . -7.69 22.40 8.07
C13 0NH F . -8.01 21.16 7.59
N14 0NH F . -7.12 20.75 6.74
C15 0NH F . -6.17 21.71 6.59
C16 0NH F . -6.51 22.79 7.44
C17 0NH F . -5.65 23.92 7.46
C18 0NH F . -5.64 25.20 8.15
C19 0NH F . -4.56 25.87 7.75
N20 0NH F . -3.86 25.13 6.83
C22 0NH F . -4.50 23.92 6.62
N23 0NH F . -4.22 22.87 5.84
C24 0NH F . -5.00 21.81 5.80
C1 0NH G . 11.66 -13.55 27.22
C2 0NH G . 12.73 -13.87 26.16
C3 0NH G . 13.55 -15.09 26.61
C4 0NH G . 12.77 -16.43 26.52
N5 0NH G . 11.95 -16.49 25.30
C6 0NH G . 11.13 -15.32 24.91
C7 0NH G . 12.03 -14.10 24.81
S8 0NH G . 11.86 -17.86 24.35
O9 0NH G . 10.53 -18.31 24.60
O10 0NH G . 12.96 -18.66 24.79
C11 0NH G . 12.02 -17.35 22.62
N12 0NH G . 13.63 -12.73 25.96
C13 0NH G . 13.55 -11.54 26.66
N14 0NH G . 14.49 -10.73 26.25
C15 0NH G . 15.21 -11.33 25.27
C16 0NH G . 14.69 -12.62 25.06
C17 0NH G . 15.28 -13.44 24.07
C18 0NH G . 15.07 -14.79 23.54
C19 0NH G . 15.98 -15.01 22.58
N20 0NH G . 16.78 -13.91 22.44
C22 0NH G . 16.38 -12.93 23.33
N23 0NH G . 16.84 -11.70 23.58
C24 0NH G . 16.31 -10.91 24.50
C1 0NH H . 15.40 -19.81 -32.80
C2 0NH H . 16.63 -18.95 -33.15
C3 0NH H . 16.18 -17.58 -33.68
C4 0NH H . 15.59 -16.69 -32.58
N5 0NH H . 16.45 -16.67 -31.38
C6 0NH H . 16.96 -17.93 -30.82
C7 0NH H . 17.54 -18.82 -31.91
S8 0NH H . 16.75 -15.23 -30.61
O9 0NH H . 16.59 -14.24 -31.62
O10 0NH H . 15.81 -15.27 -29.53
C11 0NH H . 18.44 -15.32 -29.97
N12 0NH H . 17.43 -19.63 -34.19
C13 0NH H . 17.14 -20.86 -34.73
N14 0NH H . 18.05 -21.20 -35.61
C15 0NH H . 18.98 -20.20 -35.68
C16 0NH H . 18.60 -19.18 -34.79
C17 0NH H . 19.43 -18.03 -34.70
C18 0NH H . 19.40 -16.79 -33.94
C19 0NH H . 20.48 -16.07 -34.31
N20 0NH H . 21.20 -16.76 -35.24
C22 0NH H . 20.58 -17.95 -35.50
N23 0NH H . 20.87 -18.95 -36.33
C24 0NH H . 20.13 -20.03 -36.44
#